data_6K9M
#
_entry.id   6K9M
#
_cell.length_a   66.863
_cell.length_b   105.356
_cell.length_c   150.430
_cell.angle_alpha   90.00
_cell.angle_beta   90.00
_cell.angle_gamma   90.00
#
_symmetry.space_group_name_H-M   'P 21 21 21'
#
loop_
_entity.id
_entity.type
_entity.pdbx_description
1 polymer 'Oxysterols receptor LXR-beta'
2 non-polymer "~{tert}-butyl (2'~{S},3~{S})-2-oxidanylidene-2'-propan-2-yl-spiro[1~{H}-indole-3,3'-pyrrolidine]-1'-carboxylate"
3 water water
#
_entity_poly.entity_id   1
_entity_poly.type   'polypeptide(L)'
_entity_poly.pdbx_seq_one_letter_code
;MGHHHHHHGEGVQLTAAQELMIQQLVAAQLQCNKRSFSDQPKVTPWPLGADPASGSASQQRFAHFTELAIISVQEIVDFA
KQVPGFLQLGREDQIALLKASTIEIMLLETARRYNHETECITFLKDFTYSKDDFHRAGLQVEFINPIFEFSRAMRRLGLD
DAEYALLIAINIFSADRPNVQEPGRVEALQQPYVEALLSYTRIKRPQDQLRFPRMLMKLVSLRTLSSVHSEQVFALRLQD
KKLPPLLSEIWDVHEGSGSGSHKILHRLLQDSSS
;
_entity_poly.pdbx_strand_id   A,B,C,D
#
loop_
_chem_comp.id
_chem_comp.type
_chem_comp.name
_chem_comp.formula
D43 non-polymer '~{tert}-butyl (2'~{S},3~{S})-2-oxidanylidene-2'-propan-2-yl-spiro[1~{H}-indole-3,3'-pyrrolidine]-1'-carboxylate' 'C19 H26 N2 O3'
#
# COMPACT_ATOMS: atom_id res chain seq x y z
N GLN A 13 14.91 -32.85 -39.79
CA GLN A 13 16.13 -31.98 -39.85
C GLN A 13 15.83 -30.55 -39.43
N LEU A 14 16.89 -29.80 -39.12
CA LEU A 14 16.78 -28.42 -38.65
C LEU A 14 16.61 -27.39 -39.76
N THR A 15 15.75 -26.40 -39.52
CA THR A 15 15.44 -25.40 -40.57
C THR A 15 16.55 -24.39 -40.79
N ALA A 16 16.64 -23.87 -42.01
CA ALA A 16 17.69 -22.94 -42.40
C ALA A 16 17.49 -21.65 -41.61
N ALA A 17 16.23 -21.26 -41.45
CA ALA A 17 15.87 -20.11 -40.61
C ALA A 17 16.32 -20.33 -39.17
N GLN A 18 16.08 -21.54 -38.68
CA GLN A 18 16.41 -21.90 -37.30
C GLN A 18 17.90 -21.86 -37.04
N GLU A 19 18.68 -22.33 -38.02
CA GLU A 19 20.13 -22.34 -37.89
C GLU A 19 20.67 -20.92 -37.75
N LEU A 20 20.18 -20.03 -38.60
CA LEU A 20 20.60 -18.62 -38.55
C LEU A 20 20.36 -18.05 -37.16
N MET A 21 19.14 -18.21 -36.66
CA MET A 21 18.74 -17.68 -35.35
C MET A 21 19.61 -18.14 -34.19
N ILE A 22 19.91 -19.44 -34.15
CA ILE A 22 20.82 -19.97 -33.15
C ILE A 22 22.18 -19.32 -33.30
N GLN A 23 22.66 -19.24 -34.54
CA GLN A 23 23.95 -18.63 -34.85
C GLN A 23 24.09 -17.17 -34.43
N GLN A 24 22.99 -16.42 -34.55
CA GLN A 24 22.99 -15.00 -34.18
C GLN A 24 23.09 -14.87 -32.67
N LEU A 25 22.41 -15.79 -31.98
CA LEU A 25 22.37 -15.79 -30.53
C LEU A 25 23.70 -16.10 -29.87
N VAL A 26 24.35 -17.16 -30.34
CA VAL A 26 25.68 -17.57 -29.83
C VAL A 26 26.74 -16.50 -30.04
N ALA A 27 26.68 -15.85 -31.20
CA ALA A 27 27.60 -14.77 -31.54
C ALA A 27 27.41 -13.60 -30.60
N ALA A 28 26.15 -13.24 -30.38
CA ALA A 28 25.80 -12.20 -29.41
C ALA A 28 26.23 -12.58 -27.99
N GLN A 29 26.07 -13.86 -27.66
CA GLN A 29 26.52 -14.42 -26.37
C GLN A 29 28.05 -14.32 -26.22
N LEU A 30 28.77 -14.43 -27.33
CA LEU A 30 30.24 -14.32 -27.35
C LEU A 30 30.77 -12.96 -26.90
N GLN A 31 30.08 -11.89 -27.28
CA GLN A 31 30.45 -10.53 -26.87
C GLN A 31 30.35 -10.29 -25.36
N CYS A 32 29.51 -11.07 -24.67
CA CYS A 32 29.40 -11.04 -23.22
C CYS A 32 30.62 -11.66 -22.53
N ASN A 33 30.84 -11.23 -21.29
CA ASN A 33 31.91 -11.74 -20.39
C ASN A 33 33.34 -11.57 -20.93
N LYS A 34 33.64 -10.41 -21.50
CA LYS A 34 34.98 -10.13 -22.05
C LYS A 34 35.92 -9.49 -21.04
N ARG A 35 35.36 -8.95 -19.96
CA ARG A 35 36.14 -8.22 -18.96
C ARG A 35 36.91 -9.12 -18.00
N SER A 36 38.15 -8.71 -17.72
CA SER A 36 39.06 -9.48 -16.86
C SER A 36 39.52 -8.70 -15.65
N PHE A 37 39.95 -9.38 -14.61
CA PHE A 37 40.45 -8.66 -13.45
C PHE A 37 41.72 -7.94 -13.82
N SER A 38 42.54 -8.55 -14.65
CA SER A 38 43.73 -7.92 -15.18
C SER A 38 43.46 -6.76 -16.13
N ASP A 39 42.47 -6.89 -17.00
CA ASP A 39 42.21 -5.88 -18.03
C ASP A 39 41.66 -4.55 -17.56
N PRO A 41 40.39 -0.41 -16.73
CA PRO A 41 40.21 0.04 -15.35
C PRO A 41 40.11 -1.13 -14.40
N LYS A 42 39.99 -0.87 -13.10
CA LYS A 42 39.87 -1.94 -12.15
C LYS A 42 38.78 -1.64 -11.17
N VAL A 43 38.02 -2.65 -10.78
CA VAL A 43 36.93 -2.44 -9.88
C VAL A 43 37.45 -2.54 -8.49
N THR A 44 36.75 -1.91 -7.58
CA THR A 44 37.18 -1.84 -6.21
C THR A 44 37.55 -3.22 -5.84
N PRO A 45 38.67 -3.36 -5.15
CA PRO A 45 39.26 -4.66 -4.91
C PRO A 45 38.55 -5.52 -3.89
N TRP A 46 38.81 -6.81 -3.99
CA TRP A 46 38.32 -7.76 -3.04
C TRP A 46 39.26 -7.75 -1.85
N PRO A 47 38.71 -7.63 -0.63
CA PRO A 47 39.57 -7.59 0.56
C PRO A 47 39.93 -8.99 1.06
N SER A 56 33.41 -2.12 7.29
CA SER A 56 34.41 -1.67 6.34
C SER A 56 34.75 -2.76 5.32
N ALA A 57 35.13 -3.92 5.84
CA ALA A 57 35.32 -5.12 5.04
C ALA A 57 33.99 -5.53 4.43
N SER A 58 32.94 -5.51 5.26
CA SER A 58 31.56 -5.76 4.82
C SER A 58 31.16 -4.80 3.71
N GLN A 59 31.47 -3.53 3.92
CA GLN A 59 31.10 -2.47 2.98
C GLN A 59 31.83 -2.63 1.65
N GLN A 60 33.12 -2.93 1.70
CA GLN A 60 33.92 -3.05 0.49
C GLN A 60 33.50 -4.17 -0.44
N ARG A 61 33.08 -5.30 0.13
CA ARG A 61 32.65 -6.45 -0.66
C ARG A 61 31.39 -6.18 -1.44
N PHE A 62 30.51 -5.43 -0.79
CA PHE A 62 29.27 -4.98 -1.39
C PHE A 62 29.55 -4.13 -2.62
N ALA A 63 30.46 -3.18 -2.44
CA ALA A 63 30.88 -2.30 -3.53
C ALA A 63 31.42 -3.12 -4.68
N HIS A 64 32.30 -4.06 -4.36
CA HIS A 64 32.90 -4.94 -5.37
C HIS A 64 31.86 -5.59 -6.27
N PHE A 65 30.82 -6.14 -5.64
CA PHE A 65 29.73 -6.77 -6.38
C PHE A 65 28.93 -5.83 -7.25
N THR A 66 28.56 -4.69 -6.70
CA THR A 66 27.77 -3.71 -7.44
C THR A 66 28.45 -3.12 -8.65
N GLU A 67 29.76 -2.86 -8.56
CA GLU A 67 30.49 -2.31 -9.69
C GLU A 67 30.52 -3.31 -10.83
N LEU A 68 30.76 -4.57 -10.45
CA LEU A 68 30.82 -5.66 -11.41
C LEU A 68 29.48 -5.95 -12.05
N ALA A 69 28.42 -5.89 -11.25
CA ALA A 69 27.07 -6.08 -11.76
C ALA A 69 26.66 -4.98 -12.71
N ILE A 70 26.98 -3.73 -12.38
CA ILE A 70 26.72 -2.61 -13.28
C ILE A 70 27.30 -2.93 -14.65
N ILE A 71 28.53 -3.42 -14.66
CA ILE A 71 29.21 -3.77 -15.91
C ILE A 71 28.45 -4.88 -16.63
N SER A 72 28.04 -5.91 -15.88
CA SER A 72 27.31 -7.05 -16.43
C SER A 72 25.98 -6.63 -17.04
N VAL A 73 25.24 -5.79 -16.34
CA VAL A 73 23.90 -5.37 -16.79
C VAL A 73 23.98 -4.78 -18.19
N GLN A 74 24.99 -3.96 -18.45
CA GLN A 74 25.15 -3.26 -19.74
C GLN A 74 25.37 -4.19 -20.92
N GLU A 75 26.09 -5.28 -20.66
CA GLU A 75 26.33 -6.33 -21.66
C GLU A 75 25.08 -7.13 -21.96
N ILE A 76 24.29 -7.37 -20.91
CA ILE A 76 23.00 -8.06 -21.06
C ILE A 76 22.08 -7.23 -21.94
N VAL A 77 22.13 -5.92 -21.73
CA VAL A 77 21.29 -4.96 -22.44
C VAL A 77 21.69 -4.91 -23.92
N ASP A 78 22.99 -4.85 -24.18
CA ASP A 78 23.53 -4.90 -25.54
C ASP A 78 23.19 -6.20 -26.25
N PHE A 79 23.33 -7.30 -25.50
CA PHE A 79 22.98 -8.63 -25.99
C PHE A 79 21.51 -8.70 -26.36
N ALA A 80 20.66 -8.17 -25.50
CA ALA A 80 19.21 -8.21 -25.69
C ALA A 80 18.75 -7.47 -26.96
N LYS A 81 19.43 -6.39 -27.30
CA LYS A 81 19.15 -5.66 -28.53
C LYS A 81 19.50 -6.47 -29.77
N GLN A 82 20.58 -7.24 -29.67
CA GLN A 82 20.99 -8.15 -30.74
C GLN A 82 20.03 -9.32 -30.94
N VAL A 83 19.32 -9.71 -29.88
CA VAL A 83 18.28 -10.73 -29.97
C VAL A 83 17.17 -10.23 -30.91
N PRO A 84 16.76 -11.07 -31.86
CA PRO A 84 15.73 -10.67 -32.83
C PRO A 84 14.29 -10.57 -32.32
N GLY A 85 13.69 -9.40 -32.56
CA GLY A 85 12.31 -9.13 -32.18
C GLY A 85 12.16 -8.44 -30.83
N PHE A 86 13.24 -8.40 -30.06
CA PHE A 86 13.26 -7.67 -28.81
C PHE A 86 12.99 -6.20 -29.10
N LEU A 87 13.66 -5.70 -30.14
CA LEU A 87 13.48 -4.33 -30.62
C LEU A 87 12.19 -4.09 -31.38
N GLN A 88 11.53 -5.16 -31.82
CA GLN A 88 10.15 -5.08 -32.31
C GLN A 88 9.21 -4.55 -31.23
N LEU A 89 9.53 -4.84 -29.97
CA LEU A 89 8.72 -4.42 -28.84
C LEU A 89 8.75 -2.93 -28.55
N GLY A 90 7.78 -2.50 -27.75
CA GLY A 90 7.73 -1.13 -27.25
C GLY A 90 8.82 -0.93 -26.23
N ARG A 91 9.32 0.30 -26.14
CA ARG A 91 10.37 0.65 -25.18
C ARG A 91 9.96 0.33 -23.75
N GLU A 92 8.67 0.50 -23.43
CA GLU A 92 8.12 0.18 -22.11
C GLU A 92 8.20 -1.31 -21.77
N ASP A 93 7.78 -2.15 -22.72
CA ASP A 93 7.89 -3.61 -22.59
C ASP A 93 9.29 -4.18 -22.58
N GLN A 94 10.14 -3.67 -23.47
CA GLN A 94 11.56 -4.00 -23.46
C GLN A 94 12.18 -3.81 -22.09
N ILE A 95 11.86 -2.67 -21.49
CA ILE A 95 12.30 -2.34 -20.14
C ILE A 95 11.74 -3.35 -19.13
N ALA A 96 10.45 -3.65 -19.23
CA ALA A 96 9.82 -4.58 -18.31
C ALA A 96 10.50 -5.93 -18.37
N LEU A 97 10.69 -6.42 -19.58
CA LEU A 97 11.31 -7.72 -19.81
C LEU A 97 12.73 -7.84 -19.30
N LEU A 98 13.52 -6.79 -19.53
CA LEU A 98 14.93 -6.82 -19.19
C LEU A 98 15.14 -6.77 -17.69
N LYS A 99 14.41 -5.90 -17.01
CA LYS A 99 14.51 -5.70 -15.57
C LYS A 99 14.27 -7.00 -14.79
N ALA A 100 13.27 -7.75 -15.20
CA ALA A 100 12.89 -8.99 -14.51
C ALA A 100 13.85 -10.15 -14.78
N SER A 101 14.29 -10.28 -16.03
CA SER A 101 15.20 -11.37 -16.42
C SER A 101 16.69 -11.09 -16.22
N THR A 102 17.06 -9.86 -15.85
CA THR A 102 18.48 -9.49 -15.65
C THR A 102 19.16 -10.43 -14.65
N ILE A 103 18.55 -10.58 -13.48
CA ILE A 103 19.06 -11.49 -12.45
C ILE A 103 19.07 -12.96 -12.93
N GLU A 104 18.04 -13.35 -13.66
CA GLU A 104 17.91 -14.72 -14.14
C GLU A 104 18.94 -15.08 -15.21
N ILE A 105 19.27 -14.12 -16.08
CA ILE A 105 20.35 -14.28 -17.04
C ILE A 105 21.69 -14.35 -16.32
N MET A 106 21.88 -13.48 -15.35
CA MET A 106 23.11 -13.47 -14.55
C MET A 106 23.33 -14.82 -13.87
N LEU A 107 22.29 -15.37 -13.28
CA LEU A 107 22.39 -16.67 -12.60
C LEU A 107 22.57 -17.86 -13.53
N LEU A 108 21.98 -17.80 -14.72
CA LEU A 108 22.28 -18.80 -15.73
C LEU A 108 23.77 -18.83 -16.00
N GLU A 109 24.35 -17.65 -16.12
CA GLU A 109 25.76 -17.51 -16.43
C GLU A 109 26.69 -17.95 -15.31
N THR A 110 26.26 -17.75 -14.06
CA THR A 110 27.02 -18.27 -12.93
C THR A 110 27.09 -19.79 -13.02
N ALA A 111 25.96 -20.40 -13.33
CA ALA A 111 25.84 -21.84 -13.47
C ALA A 111 26.57 -22.42 -14.64
N ARG A 112 26.63 -21.69 -15.71
CA ARG A 112 27.22 -22.20 -16.91
C ARG A 112 28.66 -22.59 -16.75
N ARG A 113 29.35 -21.83 -15.95
CA ARG A 113 30.77 -21.94 -15.69
C ARG A 113 30.98 -22.08 -14.20
N TYR A 114 30.43 -23.17 -13.69
CA TYR A 114 30.60 -23.55 -12.32
C TYR A 114 31.60 -24.67 -12.35
N ASN A 115 32.59 -24.59 -11.47
CA ASN A 115 33.60 -25.60 -11.37
C ASN A 115 33.22 -26.52 -10.22
N HIS A 116 32.85 -27.76 -10.56
CA HIS A 116 32.51 -28.78 -9.58
C HIS A 116 33.74 -29.21 -8.76
N GLU A 117 34.91 -29.12 -9.38
CA GLU A 117 36.17 -29.46 -8.73
C GLU A 117 36.46 -28.53 -7.55
N THR A 118 36.39 -27.23 -7.80
CA THR A 118 36.62 -26.21 -6.77
C THR A 118 35.38 -25.67 -6.06
N GLU A 119 34.20 -25.86 -6.66
CA GLU A 119 32.94 -25.30 -6.14
C GLU A 119 32.99 -23.77 -6.09
N CYS A 120 33.64 -23.18 -7.09
CA CYS A 120 33.79 -21.73 -7.20
C CYS A 120 32.97 -21.35 -8.44
N ILE A 121 32.03 -20.43 -8.25
CA ILE A 121 31.27 -19.86 -9.39
C ILE A 121 32.11 -18.75 -10.00
N THR A 122 31.94 -18.53 -11.30
CA THR A 122 32.68 -17.47 -12.01
C THR A 122 31.76 -16.38 -12.57
N PHE A 123 32.26 -15.15 -12.50
CA PHE A 123 31.53 -13.97 -12.97
C PHE A 123 32.35 -13.20 -14.00
N LEU A 124 31.68 -12.70 -15.04
CA LEU A 124 32.36 -12.04 -16.18
C LEU A 124 33.46 -12.96 -16.75
N LYS A 125 34.56 -12.44 -17.30
CA LYS A 125 35.60 -13.31 -17.88
C LYS A 125 36.25 -14.30 -16.90
N ASP A 126 36.73 -13.82 -15.75
CA ASP A 126 37.50 -14.68 -14.82
C ASP A 126 37.56 -14.26 -13.34
N PHE A 127 36.45 -13.73 -12.81
CA PHE A 127 36.36 -13.44 -11.37
C PHE A 127 35.75 -14.66 -10.68
N THR A 128 36.56 -15.36 -9.89
CA THR A 128 36.12 -16.60 -9.25
C THR A 128 35.88 -16.36 -7.77
N TYR A 129 34.80 -16.92 -7.24
CA TYR A 129 34.41 -16.79 -5.83
C TYR A 129 34.00 -18.10 -5.21
N SER A 130 34.47 -18.32 -3.99
CA SER A 130 34.04 -19.45 -3.17
C SER A 130 32.67 -19.24 -2.57
N LYS A 131 32.07 -20.32 -2.08
CA LYS A 131 30.82 -20.24 -1.31
C LYS A 131 31.17 -19.49 -0.02
N ASP A 132 32.36 -19.79 0.50
CA ASP A 132 32.92 -19.17 1.69
C ASP A 132 32.98 -17.65 1.55
N ASP A 133 33.39 -17.19 0.37
CA ASP A 133 33.50 -15.76 0.08
C ASP A 133 32.18 -15.02 0.29
N PHE A 134 31.10 -15.60 -0.21
CA PHE A 134 29.77 -14.97 -0.15
C PHE A 134 29.24 -14.84 1.28
N HIS A 135 29.48 -15.86 2.10
CA HIS A 135 29.16 -15.77 3.53
C HIS A 135 29.90 -14.59 4.15
N ARG A 136 31.17 -14.46 3.77
CA ARG A 136 32.04 -13.35 4.18
C ARG A 136 31.54 -11.96 3.76
N ALA A 137 30.93 -11.89 2.58
CA ALA A 137 30.31 -10.64 2.08
C ALA A 137 29.03 -10.26 2.82
N GLY A 138 28.57 -11.15 3.70
CA GLY A 138 27.44 -10.89 4.60
C GLY A 138 26.12 -11.38 4.08
N LEU A 139 26.16 -12.24 3.06
CA LEU A 139 24.94 -12.74 2.44
C LEU A 139 24.33 -13.83 3.27
N GLN A 140 23.01 -13.88 3.23
CA GLN A 140 22.24 -14.81 4.05
C GLN A 140 22.22 -16.17 3.39
N VAL A 141 22.21 -17.20 4.22
CA VAL A 141 22.21 -18.60 3.75
C VAL A 141 21.08 -18.89 2.76
N GLU A 142 19.90 -18.32 3.04
CA GLU A 142 18.71 -18.54 2.22
C GLU A 142 18.98 -18.21 0.78
N PHE A 143 19.74 -17.14 0.58
CA PHE A 143 20.17 -16.70 -0.72
C PHE A 143 21.28 -17.54 -1.33
N ILE A 144 22.33 -17.80 -0.54
CA ILE A 144 23.55 -18.41 -1.06
C ILE A 144 23.32 -19.87 -1.48
N ASN A 145 22.65 -20.63 -0.63
CA ASN A 145 22.48 -22.08 -0.83
C ASN A 145 21.84 -22.47 -2.19
N PRO A 146 20.70 -21.84 -2.56
CA PRO A 146 20.07 -22.01 -3.86
C PRO A 146 20.93 -21.74 -5.09
N ILE A 147 21.84 -20.79 -4.98
CA ILE A 147 22.70 -20.41 -6.11
C ILE A 147 23.65 -21.55 -6.49
N PHE A 148 24.29 -22.13 -5.48
CA PHE A 148 25.18 -23.27 -5.70
C PHE A 148 24.40 -24.54 -6.05
N GLU A 149 23.24 -24.71 -5.44
CA GLU A 149 22.34 -25.81 -5.77
C GLU A 149 21.86 -25.72 -7.23
N PHE A 150 21.52 -24.52 -7.67
CA PHE A 150 21.15 -24.29 -9.08
C PHE A 150 22.32 -24.59 -10.02
N SER A 151 23.52 -24.13 -9.64
CA SER A 151 24.73 -24.38 -10.44
C SER A 151 25.06 -25.88 -10.53
N ARG A 152 24.88 -26.58 -9.41
CA ARG A 152 25.00 -28.04 -9.36
C ARG A 152 23.93 -28.75 -10.19
N ALA A 153 22.69 -28.32 -10.00
CA ALA A 153 21.54 -28.91 -10.69
C ALA A 153 21.62 -28.72 -12.19
N MET A 154 22.08 -27.54 -12.59
CA MET A 154 22.29 -27.20 -14.00
C MET A 154 23.34 -28.10 -14.65
N ARG A 155 24.37 -28.43 -13.88
CA ARG A 155 25.43 -29.29 -14.37
C ARG A 155 24.95 -30.69 -14.69
N ARG A 156 24.01 -31.20 -13.89
CA ARG A 156 23.46 -32.54 -14.07
C ARG A 156 22.74 -32.66 -15.40
N LEU A 157 22.09 -31.58 -15.80
CA LEU A 157 21.51 -31.48 -17.14
C LEU A 157 22.59 -31.48 -18.21
N GLY A 158 23.63 -30.69 -18.00
CA GLY A 158 24.81 -30.69 -18.88
C GLY A 158 24.54 -30.05 -20.22
N LEU A 159 24.18 -28.78 -20.18
CA LEU A 159 23.84 -28.01 -21.38
C LEU A 159 25.05 -27.60 -22.20
N ASP A 160 24.84 -27.60 -23.51
CA ASP A 160 25.82 -27.05 -24.44
C ASP A 160 25.52 -25.56 -24.62
N ASP A 161 26.36 -24.89 -25.39
CA ASP A 161 26.28 -23.45 -25.57
C ASP A 161 25.04 -23.00 -26.34
N ALA A 162 24.67 -23.76 -27.36
CA ALA A 162 23.45 -23.48 -28.13
C ALA A 162 22.24 -23.55 -27.21
N GLU A 163 22.23 -24.58 -26.37
CA GLU A 163 21.13 -24.81 -25.44
C GLU A 163 20.99 -23.75 -24.36
N TYR A 164 22.11 -23.26 -23.82
CA TYR A 164 22.08 -22.15 -22.85
C TYR A 164 21.49 -20.90 -23.46
N ALA A 165 21.99 -20.55 -24.64
CA ALA A 165 21.58 -19.34 -25.36
C ALA A 165 20.13 -19.33 -25.77
N LEU A 166 19.63 -20.47 -26.23
CA LEU A 166 18.22 -20.60 -26.56
C LEU A 166 17.39 -20.39 -25.33
N LEU A 167 17.78 -21.04 -24.24
CA LEU A 167 17.10 -20.91 -22.96
C LEU A 167 17.09 -19.47 -22.42
N ILE A 168 18.16 -18.73 -22.65
CA ILE A 168 18.23 -17.32 -22.27
C ILE A 168 17.21 -16.49 -23.02
N ALA A 169 17.19 -16.63 -24.34
CA ALA A 169 16.25 -15.89 -25.18
C ALA A 169 14.81 -16.22 -24.82
N ILE A 170 14.57 -17.49 -24.50
CA ILE A 170 13.27 -17.93 -24.01
C ILE A 170 12.93 -17.20 -22.71
N ASN A 171 13.92 -17.07 -21.83
CA ASN A 171 13.73 -16.37 -20.57
C ASN A 171 13.26 -14.95 -20.75
N ILE A 172 13.92 -14.23 -21.66
CA ILE A 172 13.64 -12.82 -21.89
C ILE A 172 12.17 -12.59 -22.24
N PHE A 173 11.67 -13.37 -23.18
CA PHE A 173 10.30 -13.21 -23.65
C PHE A 173 9.31 -13.97 -22.79
N SER A 174 9.18 -13.56 -21.54
CA SER A 174 8.14 -14.12 -20.69
C SER A 174 7.00 -13.11 -20.61
N ALA A 175 5.81 -13.57 -20.96
CA ALA A 175 4.62 -12.73 -20.98
C ALA A 175 4.11 -12.42 -19.58
N ASP A 176 4.30 -13.36 -18.65
CA ASP A 176 3.78 -13.21 -17.28
C ASP A 176 4.72 -12.40 -16.35
N ARG A 177 5.63 -11.64 -16.97
CA ARG A 177 6.43 -10.67 -16.26
C ARG A 177 5.54 -9.53 -15.78
N PRO A 178 6.00 -8.82 -14.74
CA PRO A 178 5.30 -7.64 -14.27
C PRO A 178 5.30 -6.48 -15.27
N ASN A 179 4.14 -5.83 -15.37
CA ASN A 179 3.98 -4.58 -16.16
C ASN A 179 4.12 -4.75 -17.67
N VAL A 180 3.96 -5.98 -18.14
CA VAL A 180 4.01 -6.25 -19.57
C VAL A 180 2.67 -5.80 -20.11
N GLN A 181 2.75 -5.10 -21.24
CA GLN A 181 1.59 -4.47 -21.85
C GLN A 181 1.10 -5.22 -23.07
N GLU A 182 2.00 -5.92 -23.73
CA GLU A 182 1.68 -6.67 -24.93
C GLU A 182 2.11 -8.13 -24.76
N PRO A 183 1.44 -8.88 -23.86
CA PRO A 183 1.79 -10.28 -23.62
C PRO A 183 1.82 -11.17 -24.86
N GLY A 184 0.71 -11.22 -25.59
CA GLY A 184 0.60 -11.90 -26.89
C GLY A 184 1.75 -11.64 -27.84
N ARG A 185 2.19 -10.39 -27.95
CA ARG A 185 3.30 -10.02 -28.82
C ARG A 185 4.62 -10.59 -28.31
N VAL A 186 4.77 -10.59 -26.99
CA VAL A 186 5.94 -11.17 -26.35
C VAL A 186 5.95 -12.69 -26.50
N GLU A 187 4.83 -13.33 -26.19
CA GLU A 187 4.73 -14.79 -26.25
C GLU A 187 4.92 -15.31 -27.68
N ALA A 188 4.47 -14.52 -28.64
CA ALA A 188 4.67 -14.81 -30.06
C ALA A 188 6.14 -14.84 -30.43
N LEU A 189 6.92 -13.92 -29.89
CA LEU A 189 8.37 -13.89 -30.10
C LEU A 189 9.10 -15.07 -29.45
N GLN A 190 8.58 -15.55 -28.33
CA GLN A 190 9.15 -16.69 -27.60
C GLN A 190 8.99 -18.03 -28.32
N GLN A 191 7.80 -18.31 -28.85
CA GLN A 191 7.50 -19.63 -29.44
C GLN A 191 8.52 -20.15 -30.45
N PRO A 192 9.02 -19.28 -31.36
CA PRO A 192 10.10 -19.60 -32.30
C PRO A 192 11.33 -20.22 -31.64
N TYR A 193 11.72 -19.64 -30.51
CA TYR A 193 12.86 -20.11 -29.71
C TYR A 193 12.60 -21.44 -29.01
N VAL A 194 11.40 -21.61 -28.49
CA VAL A 194 11.00 -22.87 -27.85
C VAL A 194 11.02 -23.98 -28.89
N GLU A 195 10.53 -23.65 -30.08
CA GLU A 195 10.53 -24.55 -31.23
C GLU A 195 11.93 -24.93 -31.69
N ALA A 196 12.84 -23.96 -31.71
CA ALA A 196 14.23 -24.20 -32.05
C ALA A 196 14.90 -25.10 -31.01
N LEU A 197 14.68 -24.79 -29.74
CA LEU A 197 15.22 -25.59 -28.64
C LEU A 197 14.73 -27.02 -28.69
N LEU A 198 13.44 -27.17 -28.96
CA LEU A 198 12.85 -28.49 -29.11
C LEU A 198 13.49 -29.23 -30.28
N SER A 199 13.56 -28.58 -31.42
CA SER A 199 14.15 -29.19 -32.62
C SER A 199 15.62 -29.52 -32.43
N TYR A 200 16.35 -28.60 -31.79
CA TYR A 200 17.77 -28.78 -31.53
C TYR A 200 18.07 -29.99 -30.62
N THR A 201 17.29 -30.12 -29.54
CA THR A 201 17.43 -31.25 -28.61
C THR A 201 17.18 -32.59 -29.28
N ARG A 202 16.14 -32.62 -30.11
CA ARG A 202 15.78 -33.82 -30.88
C ARG A 202 16.86 -34.29 -31.82
N ILE A 203 17.50 -33.34 -32.48
CA ILE A 203 18.57 -33.62 -33.43
C ILE A 203 19.80 -34.10 -32.67
N LYS A 204 20.22 -33.32 -31.69
CA LYS A 204 21.42 -33.61 -30.90
C LYS A 204 21.31 -34.87 -30.03
N ARG A 205 20.15 -35.08 -29.42
CA ARG A 205 19.93 -36.22 -28.52
C ARG A 205 18.56 -36.84 -28.76
N PRO A 206 18.41 -37.62 -29.85
CA PRO A 206 17.13 -38.25 -30.22
C PRO A 206 16.47 -39.10 -29.12
N GLN A 207 17.29 -39.84 -28.36
CA GLN A 207 16.79 -40.81 -27.40
C GLN A 207 16.46 -40.22 -26.02
N ASP A 208 16.89 -38.98 -25.76
CA ASP A 208 16.61 -38.32 -24.48
C ASP A 208 15.45 -37.34 -24.62
N GLN A 209 14.26 -37.86 -24.35
CA GLN A 209 13.02 -37.10 -24.47
C GLN A 209 12.81 -36.13 -23.30
N LEU A 210 13.25 -36.55 -22.10
CA LEU A 210 13.06 -35.79 -20.86
C LEU A 210 14.07 -34.66 -20.62
N ARG A 211 15.07 -34.54 -21.47
CA ARG A 211 16.07 -33.47 -21.36
C ARG A 211 15.47 -32.08 -21.60
N PHE A 212 14.66 -31.96 -22.64
CA PHE A 212 14.05 -30.70 -23.05
C PHE A 212 13.05 -30.10 -22.03
N PRO A 213 12.17 -30.93 -21.43
CA PRO A 213 11.29 -30.44 -20.35
C PRO A 213 12.00 -29.93 -19.10
N ARG A 214 13.06 -30.62 -18.69
CA ARG A 214 13.84 -30.20 -17.54
C ARG A 214 14.43 -28.82 -17.73
N MET A 215 14.90 -28.54 -18.95
CA MET A 215 15.41 -27.22 -19.33
C MET A 215 14.38 -26.14 -19.15
N LEU A 216 13.16 -26.44 -19.59
CA LEU A 216 12.04 -25.54 -19.40
C LEU A 216 11.67 -25.37 -17.95
N MET A 217 11.75 -26.45 -17.20
CA MET A 217 11.48 -26.41 -15.76
C MET A 217 12.54 -25.65 -14.95
N LYS A 218 13.74 -25.47 -15.50
CA LYS A 218 14.75 -24.63 -14.87
C LYS A 218 14.34 -23.17 -14.78
N LEU A 219 13.46 -22.76 -15.70
CA LEU A 219 12.85 -21.42 -15.63
C LEU A 219 12.04 -21.20 -14.36
N VAL A 220 11.46 -22.29 -13.84
CA VAL A 220 10.75 -22.28 -12.56
C VAL A 220 11.72 -21.98 -11.41
N SER A 221 12.87 -22.63 -11.44
CA SER A 221 13.93 -22.41 -10.43
C SER A 221 14.46 -20.98 -10.45
N LEU A 222 14.57 -20.40 -11.64
CA LEU A 222 15.03 -19.01 -11.79
C LEU A 222 14.13 -17.98 -11.14
N ARG A 223 12.85 -18.31 -11.07
CA ARG A 223 11.85 -17.48 -10.42
C ARG A 223 11.97 -17.44 -8.92
N THR A 224 12.14 -18.61 -8.32
CA THR A 224 12.31 -18.72 -6.87
C THR A 224 13.57 -17.94 -6.49
N LEU A 225 14.65 -18.19 -7.21
CA LEU A 225 15.91 -17.47 -7.05
C LEU A 225 15.77 -15.95 -7.09
N SER A 226 15.05 -15.49 -8.10
CA SER A 226 14.84 -14.07 -8.35
C SER A 226 14.07 -13.44 -7.19
N SER A 227 13.13 -14.20 -6.64
CA SER A 227 12.37 -13.79 -5.46
C SER A 227 13.23 -13.81 -4.19
N VAL A 228 14.04 -14.86 -4.04
CA VAL A 228 15.00 -14.98 -2.94
C VAL A 228 16.05 -13.86 -2.96
N HIS A 229 16.49 -13.55 -4.18
CA HIS A 229 17.44 -12.47 -4.45
C HIS A 229 16.89 -11.11 -4.03
N SER A 230 15.62 -10.87 -4.32
CA SER A 230 14.94 -9.62 -3.95
C SER A 230 14.91 -9.42 -2.44
N GLU A 231 14.66 -10.50 -1.72
CA GLU A 231 14.66 -10.49 -0.26
C GLU A 231 16.04 -10.15 0.29
N GLN A 232 17.08 -10.72 -0.34
CA GLN A 232 18.46 -10.44 0.03
C GLN A 232 18.80 -8.96 -0.14
N VAL A 233 18.36 -8.35 -1.23
CA VAL A 233 18.67 -6.95 -1.50
C VAL A 233 18.07 -6.04 -0.42
N PHE A 234 16.86 -6.35 0.02
CA PHE A 234 16.21 -5.58 1.07
C PHE A 234 16.89 -5.75 2.44
N ALA A 235 17.36 -6.97 2.72
CA ALA A 235 18.09 -7.26 3.96
C ALA A 235 19.39 -6.48 4.05
N LEU A 236 20.07 -6.37 2.91
CA LEU A 236 21.30 -5.60 2.77
C LEU A 236 21.14 -4.10 3.01
N ARG A 237 19.98 -3.57 2.67
CA ARG A 237 19.67 -2.15 2.91
C ARG A 237 19.68 -1.89 4.42
N LEU A 238 19.37 -2.93 5.19
CA LEU A 238 19.37 -2.89 6.66
C LEU A 238 20.78 -3.02 7.28
N GLN A 239 21.75 -3.39 6.44
CA GLN A 239 23.17 -3.41 6.76
C GLN A 239 23.93 -2.14 6.38
N ASP A 240 23.19 -1.08 6.01
CA ASP A 240 23.75 0.16 5.49
C ASP A 240 24.52 -0.09 4.18
N LYS A 241 23.91 -0.84 3.28
CA LYS A 241 24.50 -1.17 1.97
C LYS A 241 23.44 -1.01 0.88
N LYS A 242 23.27 0.24 0.43
CA LYS A 242 22.28 0.59 -0.59
C LYS A 242 22.87 0.50 -2.00
N LEU A 243 22.05 0.02 -2.94
CA LEU A 243 22.51 -0.21 -4.31
C LEU A 243 22.71 1.09 -5.10
N PRO A 244 23.66 1.10 -6.06
CA PRO A 244 23.81 2.26 -6.95
C PRO A 244 22.60 2.49 -7.86
N PRO A 245 22.52 3.67 -8.52
CA PRO A 245 21.33 4.05 -9.29
C PRO A 245 20.79 3.02 -10.30
N LEU A 246 21.67 2.46 -11.14
CA LEU A 246 21.24 1.53 -12.19
C LEU A 246 20.70 0.20 -11.66
N LEU A 247 21.36 -0.36 -10.64
CA LEU A 247 20.89 -1.60 -10.01
C LEU A 247 19.63 -1.39 -9.17
N SER A 248 19.47 -0.20 -8.61
CA SER A 248 18.29 0.16 -7.81
C SER A 248 17.03 0.13 -8.64
N GLU A 249 17.13 0.56 -9.90
CA GLU A 249 16.00 0.51 -10.82
C GLU A 249 15.48 -0.90 -10.96
N ILE A 250 16.36 -1.80 -11.36
CA ILE A 250 15.98 -3.17 -11.66
C ILE A 250 15.69 -4.04 -10.41
N TRP A 251 16.35 -3.79 -9.28
CA TRP A 251 16.21 -4.69 -8.10
C TRP A 251 15.57 -4.15 -6.81
N ASP A 252 15.36 -2.84 -6.71
CA ASP A 252 14.75 -2.25 -5.49
C ASP A 252 13.23 -2.12 -5.59
N VAL A 253 12.59 -1.96 -4.43
CA VAL A 253 11.15 -1.75 -4.33
C VAL A 253 10.82 -0.62 -3.35
N HIS A 262 12.89 4.21 -14.46
CA HIS A 262 13.92 3.52 -15.24
C HIS A 262 14.65 4.46 -16.20
N LYS A 263 15.18 5.55 -15.64
CA LYS A 263 15.85 6.58 -16.42
C LYS A 263 17.15 6.10 -17.05
N ILE A 264 17.98 5.39 -16.26
CA ILE A 264 19.29 4.94 -16.75
C ILE A 264 19.12 3.79 -17.75
N LEU A 265 18.19 2.90 -17.44
CA LEU A 265 17.87 1.79 -18.31
C LEU A 265 17.23 2.21 -19.63
N HIS A 266 16.34 3.20 -19.55
CA HIS A 266 15.74 3.81 -20.75
C HIS A 266 16.82 4.43 -21.63
N ARG A 267 17.76 5.11 -21.01
CA ARG A 267 18.91 5.72 -21.69
C ARG A 267 19.88 4.68 -22.26
N LEU A 268 20.07 3.57 -21.55
CA LEU A 268 20.88 2.45 -22.03
C LEU A 268 20.37 1.82 -23.33
N LEU A 269 19.06 1.81 -23.50
CA LEU A 269 18.47 1.18 -24.65
C LEU A 269 18.64 2.03 -25.88
N GLN A 270 18.69 3.33 -25.69
CA GLN A 270 18.79 4.31 -26.76
C GLN A 270 20.03 4.36 -27.67
N ASP A 271 21.22 4.15 -27.14
CA ASP A 271 22.40 4.23 -28.00
C ASP A 271 22.10 4.55 -29.47
N VAL B 12 5.98 38.80 29.97
CA VAL B 12 5.98 37.90 28.78
C VAL B 12 7.30 38.02 28.00
N GLN B 13 8.23 37.12 28.31
CA GLN B 13 9.53 37.04 27.62
C GLN B 13 9.89 35.59 27.36
N LEU B 14 10.69 35.38 26.32
CA LEU B 14 11.23 34.07 25.99
C LEU B 14 12.41 33.76 26.90
N THR B 15 12.75 32.48 26.96
CA THR B 15 13.88 32.00 27.76
C THR B 15 14.91 31.50 26.78
N ALA B 16 16.17 31.54 27.18
CA ALA B 16 17.28 31.11 26.32
C ALA B 16 17.12 29.68 25.82
N ALA B 17 16.53 28.83 26.64
CA ALA B 17 16.20 27.45 26.27
C ALA B 17 15.27 27.40 25.08
N GLN B 18 14.25 28.25 25.09
CA GLN B 18 13.25 28.33 24.02
C GLN B 18 13.83 28.89 22.73
N GLU B 19 14.68 29.90 22.87
CA GLU B 19 15.31 30.57 21.72
C GLU B 19 16.27 29.64 20.99
N LEU B 20 16.93 28.79 21.77
CA LEU B 20 17.82 27.77 21.24
C LEU B 20 17.03 26.74 20.43
N MET B 21 15.93 26.28 21.00
CA MET B 21 15.04 25.35 20.32
C MET B 21 14.61 25.91 18.95
N ILE B 22 14.16 27.16 18.92
CA ILE B 22 13.72 27.80 17.68
C ILE B 22 14.86 27.90 16.67
N GLN B 23 16.05 28.26 17.15
CA GLN B 23 17.25 28.34 16.30
C GLN B 23 17.58 26.98 15.66
N GLN B 24 17.53 25.91 16.46
CA GLN B 24 17.75 24.55 15.97
C GLN B 24 16.63 24.09 15.02
N LEU B 25 15.40 24.46 15.36
CA LEU B 25 14.21 24.14 14.57
C LEU B 25 14.27 24.77 13.19
N VAL B 26 14.58 26.07 13.16
CA VAL B 26 14.75 26.81 11.90
C VAL B 26 15.88 26.25 11.05
N ALA B 27 17.00 25.95 11.68
CA ALA B 27 18.18 25.44 10.95
C ALA B 27 17.90 24.09 10.30
N ALA B 28 17.19 23.21 11.01
CA ALA B 28 16.77 21.91 10.49
C ALA B 28 15.89 22.05 9.25
N GLN B 29 14.99 23.02 9.30
CA GLN B 29 14.06 23.28 8.20
C GLN B 29 14.75 23.96 7.01
N LEU B 30 15.83 24.69 7.26
CA LEU B 30 16.67 25.25 6.18
C LEU B 30 17.37 24.15 5.39
N GLN B 31 17.54 22.99 6.02
CA GLN B 31 18.02 21.77 5.36
C GLN B 31 17.01 21.19 4.36
N CYS B 32 15.73 21.42 4.63
CA CYS B 32 14.64 21.05 3.72
C CYS B 32 14.64 21.95 2.48
N ASN B 33 14.01 21.46 1.42
CA ASN B 33 13.84 22.20 0.15
C ASN B 33 15.15 22.65 -0.50
N LYS B 34 16.09 21.72 -0.62
CA LYS B 34 17.41 22.01 -1.21
C LYS B 34 17.67 21.41 -2.58
N ARG B 35 17.04 20.28 -2.91
CA ARG B 35 17.26 19.64 -4.20
C ARG B 35 16.61 20.44 -5.33
N SER B 36 17.44 20.79 -6.31
CA SER B 36 17.09 21.71 -7.40
C SER B 36 17.07 20.95 -8.71
N PHE B 37 16.47 21.56 -9.74
CA PHE B 37 16.41 20.99 -11.08
C PHE B 37 17.80 20.88 -11.70
N SER B 38 18.55 21.98 -11.61
CA SER B 38 19.93 22.03 -12.10
C SER B 38 20.88 21.38 -11.10
N GLN B 40 23.48 17.03 -9.31
CA GLN B 40 23.66 16.39 -10.61
C GLN B 40 22.45 15.54 -11.04
N PRO B 41 21.90 14.70 -10.14
CA PRO B 41 20.70 13.95 -10.50
C PRO B 41 19.45 14.82 -10.61
N LYS B 42 18.45 14.30 -11.30
CA LYS B 42 17.20 15.01 -11.55
C LYS B 42 16.06 14.05 -11.85
N VAL B 43 14.84 14.56 -11.65
CA VAL B 43 13.62 13.77 -11.82
C VAL B 43 13.20 13.69 -13.28
N THR B 44 12.14 12.93 -13.53
CA THR B 44 11.43 12.91 -14.81
C THR B 44 11.10 14.34 -15.22
N PRO B 45 11.51 14.75 -16.43
CA PRO B 45 11.21 16.12 -16.86
C PRO B 45 9.72 16.36 -17.05
N TRP B 46 9.37 17.64 -16.98
CA TRP B 46 8.03 18.11 -17.23
C TRP B 46 8.02 18.53 -18.69
N PRO B 47 7.30 17.79 -19.54
CA PRO B 47 7.31 18.06 -20.98
C PRO B 47 6.50 19.31 -21.32
N LEU B 48 6.79 19.91 -22.47
CA LEU B 48 6.05 21.07 -22.95
C LEU B 48 6.06 21.12 -24.48
N GLN B 59 0.38 11.13 -17.77
CA GLN B 59 1.24 10.01 -17.39
C GLN B 59 2.61 10.49 -16.91
N GLN B 60 3.27 11.28 -17.76
CA GLN B 60 4.59 11.86 -17.46
C GLN B 60 4.51 12.98 -16.42
N ARG B 61 3.43 13.77 -16.49
CA ARG B 61 3.18 14.84 -15.52
C ARG B 61 2.92 14.27 -14.14
N PHE B 62 2.13 13.21 -14.10
CA PHE B 62 1.89 12.49 -12.88
C PHE B 62 3.18 11.92 -12.35
N ALA B 63 3.95 11.29 -13.24
CA ALA B 63 5.25 10.75 -12.88
C ALA B 63 6.13 11.82 -12.29
N HIS B 64 6.11 13.01 -12.89
CA HIS B 64 6.92 14.14 -12.43
C HIS B 64 6.60 14.55 -10.98
N PHE B 65 5.32 14.68 -10.65
CA PHE B 65 4.92 15.02 -9.28
C PHE B 65 5.30 13.95 -8.29
N THR B 66 5.12 12.70 -8.69
CA THR B 66 5.39 11.56 -7.82
C THR B 66 6.85 11.48 -7.41
N GLU B 67 7.76 11.73 -8.35
CA GLU B 67 9.20 11.67 -8.06
C GLU B 67 9.61 12.77 -7.10
N LEU B 68 9.10 13.97 -7.38
CA LEU B 68 9.32 15.12 -6.51
C LEU B 68 8.67 14.97 -5.16
N ALA B 69 7.49 14.37 -5.14
CA ALA B 69 6.80 14.10 -3.88
C ALA B 69 7.66 13.22 -2.99
N ILE B 70 8.28 12.20 -3.59
CA ILE B 70 9.11 11.25 -2.85
C ILE B 70 10.29 11.90 -2.12
N ILE B 71 11.05 12.73 -2.82
CA ILE B 71 12.19 13.42 -2.16
C ILE B 71 11.74 14.41 -1.09
N SER B 72 10.56 15.00 -1.27
CA SER B 72 9.98 15.85 -0.23
C SER B 72 9.70 15.03 1.02
N VAL B 73 9.11 13.84 0.85
CA VAL B 73 8.78 12.99 1.99
C VAL B 73 9.98 12.68 2.85
N GLN B 74 11.06 12.27 2.21
CA GLN B 74 12.28 11.86 2.90
C GLN B 74 12.88 13.03 3.66
N GLU B 75 12.85 14.20 3.05
CA GLU B 75 13.25 15.43 3.73
C GLU B 75 12.39 15.68 4.96
N ILE B 76 11.08 15.52 4.79
CA ILE B 76 10.13 15.74 5.89
C ILE B 76 10.36 14.79 7.05
N VAL B 77 10.57 13.51 6.74
CA VAL B 77 10.83 12.48 7.75
C VAL B 77 12.12 12.79 8.50
N ASP B 78 13.17 13.04 7.72
CA ASP B 78 14.48 13.39 8.27
C ASP B 78 14.41 14.63 9.14
N PHE B 79 13.59 15.58 8.72
CA PHE B 79 13.29 16.75 9.52
C PHE B 79 12.65 16.37 10.84
N ALA B 80 11.69 15.45 10.76
CA ALA B 80 10.92 14.99 11.93
C ALA B 80 11.79 14.42 13.05
N LYS B 81 12.85 13.71 12.67
CA LYS B 81 13.82 13.17 13.62
C LYS B 81 14.59 14.27 14.33
N GLN B 82 14.97 15.29 13.56
CA GLN B 82 15.67 16.44 14.10
C GLN B 82 14.83 17.22 15.12
N VAL B 83 13.52 17.06 15.07
CA VAL B 83 12.62 17.65 16.07
C VAL B 83 12.74 16.88 17.40
N PRO B 84 12.95 17.61 18.51
CA PRO B 84 12.99 16.95 19.83
C PRO B 84 11.67 16.31 20.19
N GLY B 85 11.72 15.07 20.68
CA GLY B 85 10.53 14.35 21.13
C GLY B 85 10.03 13.26 20.19
N PHE B 86 10.29 13.40 18.89
CA PHE B 86 9.69 12.54 17.87
C PHE B 86 10.18 11.10 17.92
N LEU B 87 11.48 10.90 18.09
CA LEU B 87 12.06 9.55 18.23
C LEU B 87 11.80 8.92 19.59
N GLN B 88 11.45 9.74 20.58
CA GLN B 88 11.05 9.26 21.90
C GLN B 88 9.77 8.44 21.78
N LEU B 89 8.87 8.87 20.89
CA LEU B 89 7.62 8.19 20.62
C LEU B 89 7.82 6.80 20.08
N GLY B 90 6.81 5.96 20.27
CA GLY B 90 6.80 4.62 19.73
C GLY B 90 6.60 4.70 18.23
N ARG B 91 7.03 3.64 17.54
CA ARG B 91 7.00 3.63 16.08
C ARG B 91 5.61 3.75 15.48
N GLU B 92 4.61 3.16 16.13
CA GLU B 92 3.24 3.20 15.63
C GLU B 92 2.77 4.65 15.42
N ASP B 93 3.09 5.51 16.38
CA ASP B 93 2.67 6.92 16.36
C ASP B 93 3.51 7.79 15.44
N GLN B 94 4.82 7.57 15.39
CA GLN B 94 5.70 8.27 14.45
C GLN B 94 5.13 8.21 13.04
N ILE B 95 4.73 7.00 12.67
CA ILE B 95 4.10 6.72 11.39
C ILE B 95 2.74 7.40 11.23
N ALA B 96 1.89 7.31 12.25
CA ALA B 96 0.56 7.91 12.19
C ALA B 96 0.61 9.42 12.03
N LEU B 97 1.52 10.06 12.77
CA LEU B 97 1.71 11.50 12.70
C LEU B 97 2.26 11.93 11.37
N LEU B 98 3.24 11.18 10.88
CA LEU B 98 3.81 11.42 9.57
C LEU B 98 2.85 11.20 8.44
N LYS B 99 2.00 10.19 8.56
CA LYS B 99 1.02 9.87 7.51
C LYS B 99 0.15 11.06 7.13
N ALA B 100 -0.47 11.66 8.15
CA ALA B 100 -1.39 12.76 7.93
C ALA B 100 -0.71 14.11 7.70
N SER B 101 0.42 14.35 8.37
CA SER B 101 1.05 15.67 8.33
C SER B 101 1.95 15.95 7.10
N THR B 102 2.39 14.92 6.38
CA THR B 102 3.29 15.15 5.22
C THR B 102 2.64 16.04 4.16
N ILE B 103 1.39 15.73 3.79
CA ILE B 103 0.68 16.54 2.82
C ILE B 103 0.43 17.97 3.34
N GLU B 104 0.15 18.09 4.63
CA GLU B 104 -0.11 19.39 5.25
C GLU B 104 1.15 20.23 5.36
N ILE B 105 2.30 19.59 5.59
CA ILE B 105 3.59 20.29 5.55
C ILE B 105 3.94 20.67 4.10
N MET B 106 3.68 19.76 3.15
CA MET B 106 3.83 20.06 1.71
C MET B 106 3.00 21.27 1.28
N LEU B 107 1.76 21.37 1.76
CA LEU B 107 0.88 22.50 1.47
C LEU B 107 1.34 23.80 2.14
N LEU B 108 1.91 23.68 3.35
CA LEU B 108 2.51 24.83 4.03
C LEU B 108 3.72 25.36 3.30
N GLU B 109 4.54 24.44 2.81
CA GLU B 109 5.72 24.78 2.00
C GLU B 109 5.36 25.39 0.66
N THR B 110 4.34 24.81 0.05
CA THR B 110 3.75 25.29 -1.20
C THR B 110 3.31 26.75 -1.10
N ALA B 111 2.56 27.04 -0.04
CA ALA B 111 2.00 28.36 0.21
C ALA B 111 3.05 29.41 0.56
N ARG B 112 4.09 28.95 1.27
CA ARG B 112 5.15 29.79 1.78
C ARG B 112 5.77 30.68 0.71
N ARG B 113 6.04 30.07 -0.44
CA ARG B 113 6.62 30.75 -1.58
C ARG B 113 5.62 30.73 -2.70
N TYR B 114 4.57 31.50 -2.48
CA TYR B 114 3.51 31.64 -3.44
C TYR B 114 3.65 33.03 -4.00
N ASN B 115 3.70 33.12 -5.33
CA ASN B 115 3.85 34.39 -5.99
C ASN B 115 2.47 34.97 -6.25
N HIS B 116 2.16 36.08 -5.58
CA HIS B 116 0.87 36.74 -5.73
C HIS B 116 0.67 37.38 -7.11
N GLU B 117 1.76 37.77 -7.77
CA GLU B 117 1.70 38.41 -9.08
C GLU B 117 1.47 37.39 -10.19
N THR B 118 2.40 36.46 -10.36
CA THR B 118 2.30 35.41 -11.40
C THR B 118 1.25 34.33 -11.11
N GLU B 119 0.92 34.12 -9.83
CA GLU B 119 0.00 33.05 -9.40
C GLU B 119 0.62 31.67 -9.66
N CYS B 120 1.81 31.46 -9.08
CA CYS B 120 2.57 30.22 -9.22
C CYS B 120 2.92 29.65 -7.85
N ILE B 121 3.30 28.38 -7.86
CA ILE B 121 3.66 27.64 -6.65
C ILE B 121 5.06 27.07 -6.85
N THR B 122 5.95 27.38 -5.91
CA THR B 122 7.32 26.86 -5.90
C THR B 122 7.39 25.63 -4.99
N PHE B 123 8.06 24.60 -5.48
CA PHE B 123 8.24 23.34 -4.76
C PHE B 123 9.73 23.01 -4.72
N LEU B 124 10.23 22.63 -3.55
CA LEU B 124 11.67 22.39 -3.32
C LEU B 124 12.51 23.64 -3.68
N LYS B 125 13.70 23.46 -4.25
CA LYS B 125 14.60 24.57 -4.50
C LYS B 125 14.07 25.57 -5.53
N ASP B 126 13.64 25.07 -6.69
CA ASP B 126 13.25 25.95 -7.81
C ASP B 126 12.26 25.39 -8.85
N PHE B 127 11.29 24.60 -8.40
CA PHE B 127 10.24 24.07 -9.29
C PHE B 127 8.96 24.87 -9.20
N THR B 128 8.68 25.65 -10.24
CA THR B 128 7.51 26.53 -10.28
C THR B 128 6.46 25.95 -11.23
N TYR B 129 5.19 26.09 -10.85
CA TYR B 129 4.06 25.59 -11.64
C TYR B 129 2.89 26.55 -11.53
N SER B 130 2.36 26.95 -12.68
CA SER B 130 1.16 27.78 -12.75
C SER B 130 -0.07 26.96 -12.41
N LYS B 131 -1.18 27.66 -12.25
CA LYS B 131 -2.46 27.01 -11.99
C LYS B 131 -2.95 26.21 -13.20
N ASP B 132 -2.61 26.69 -14.40
CA ASP B 132 -2.89 26.00 -15.66
C ASP B 132 -2.10 24.69 -15.82
N ASP B 133 -0.94 24.60 -15.16
CA ASP B 133 -0.12 23.38 -15.17
C ASP B 133 -0.79 22.20 -14.46
N PHE B 134 -1.43 22.47 -13.32
CA PHE B 134 -2.15 21.43 -12.58
C PHE B 134 -3.43 21.00 -13.30
N HIS B 135 -4.06 21.93 -14.01
CA HIS B 135 -5.18 21.62 -14.92
C HIS B 135 -4.80 20.59 -15.95
N ARG B 136 -3.73 20.92 -16.68
CA ARG B 136 -3.23 20.11 -17.80
C ARG B 136 -2.75 18.74 -17.35
N ALA B 137 -2.47 18.61 -16.04
CA ALA B 137 -2.16 17.34 -15.42
C ALA B 137 -3.41 16.54 -15.05
N GLY B 138 -4.59 17.10 -15.34
CA GLY B 138 -5.87 16.43 -15.06
C GLY B 138 -6.11 16.23 -13.57
N LEU B 139 -5.98 17.32 -12.82
CA LEU B 139 -6.34 17.34 -11.41
C LEU B 139 -7.67 18.05 -11.32
N GLN B 140 -8.47 17.67 -10.33
CA GLN B 140 -9.84 18.17 -10.19
C GLN B 140 -9.78 19.65 -9.81
N VAL B 141 -10.76 20.42 -10.27
CA VAL B 141 -10.82 21.85 -9.93
C VAL B 141 -11.13 22.02 -8.44
N GLU B 142 -11.91 21.08 -7.90
CA GLU B 142 -12.26 21.02 -6.48
C GLU B 142 -11.06 20.81 -5.55
N PHE B 143 -9.99 20.23 -6.10
CA PHE B 143 -8.70 20.07 -5.42
C PHE B 143 -7.79 21.29 -5.59
N ILE B 144 -7.70 21.81 -6.81
CA ILE B 144 -6.72 22.84 -7.16
C ILE B 144 -7.00 24.20 -6.53
N ASN B 145 -8.23 24.68 -6.65
CA ASN B 145 -8.57 26.04 -6.22
C ASN B 145 -8.51 26.27 -4.71
N PRO B 146 -8.98 25.29 -3.89
CA PRO B 146 -8.77 25.35 -2.44
C PRO B 146 -7.31 25.44 -2.00
N ILE B 147 -6.44 24.73 -2.70
CA ILE B 147 -4.99 24.83 -2.48
C ILE B 147 -4.49 26.23 -2.78
N PHE B 148 -4.78 26.69 -3.99
CA PHE B 148 -4.34 28.02 -4.42
C PHE B 148 -4.96 29.14 -3.58
N GLU B 149 -6.22 28.97 -3.21
CA GLU B 149 -6.90 29.85 -2.28
C GLU B 149 -6.27 29.82 -0.89
N PHE B 150 -5.76 28.66 -0.49
CA PHE B 150 -5.03 28.50 0.76
C PHE B 150 -3.66 29.16 0.70
N SER B 151 -2.98 29.02 -0.43
CA SER B 151 -1.65 29.60 -0.64
C SER B 151 -1.66 31.12 -0.63
N ARG B 152 -2.68 31.71 -1.25
CA ARG B 152 -2.89 33.17 -1.23
C ARG B 152 -3.19 33.67 0.19
N ALA B 153 -4.01 32.91 0.92
CA ALA B 153 -4.36 33.22 2.31
C ALA B 153 -3.15 33.19 3.23
N MET B 154 -2.29 32.21 3.00
CA MET B 154 -1.06 32.03 3.79
C MET B 154 -0.06 33.14 3.63
N ARG B 155 0.10 33.62 2.40
CA ARG B 155 1.02 34.73 2.13
C ARG B 155 0.64 36.01 2.82
N ARG B 156 -0.66 36.26 2.79
CA ARG B 156 -1.27 37.39 3.47
C ARG B 156 -0.96 37.45 4.97
N LEU B 157 -0.80 36.26 5.54
CA LEU B 157 -0.42 36.09 6.92
C LEU B 157 0.98 36.64 7.21
N GLY B 158 1.89 36.43 6.27
CA GLY B 158 3.25 36.97 6.35
C GLY B 158 4.08 36.34 7.45
N LEU B 159 4.11 35.01 7.46
CA LEU B 159 4.88 34.28 8.46
C LEU B 159 6.38 34.37 8.17
N ASP B 160 7.13 34.59 9.24
CA ASP B 160 8.58 34.58 9.19
C ASP B 160 9.05 33.15 9.46
N ASP B 161 10.36 32.95 9.50
CA ASP B 161 10.95 31.61 9.65
C ASP B 161 10.60 30.89 10.94
N ALA B 162 10.68 31.59 12.06
CA ALA B 162 10.39 30.99 13.37
C ALA B 162 8.95 30.51 13.42
N GLU B 163 8.05 31.36 12.93
CA GLU B 163 6.62 31.08 12.95
C GLU B 163 6.25 29.88 12.10
N TYR B 164 6.86 29.77 10.91
CA TYR B 164 6.66 28.60 10.05
C TYR B 164 7.16 27.32 10.69
N ALA B 165 8.34 27.39 11.30
CA ALA B 165 8.99 26.22 11.89
C ALA B 165 8.22 25.67 13.09
N LEU B 166 7.81 26.56 13.99
CA LEU B 166 7.02 26.18 15.15
C LEU B 166 5.67 25.62 14.73
N LEU B 167 5.09 26.28 13.74
CA LEU B 167 3.79 25.91 13.23
C LEU B 167 3.79 24.55 12.54
N ILE B 168 4.88 24.23 11.86
CA ILE B 168 5.08 22.90 11.31
C ILE B 168 5.16 21.87 12.42
N ALA B 169 5.94 22.19 13.46
CA ALA B 169 6.10 21.29 14.59
C ALA B 169 4.79 21.03 15.31
N ILE B 170 4.01 22.08 15.51
CA ILE B 170 2.67 21.97 16.11
C ILE B 170 1.78 21.03 15.29
N ASN B 171 1.87 21.15 13.97
CA ASN B 171 1.11 20.31 13.05
C ASN B 171 1.49 18.83 13.15
N ILE B 172 2.78 18.55 13.32
CA ILE B 172 3.28 17.17 13.44
C ILE B 172 2.75 16.50 14.71
N PHE B 173 2.97 17.12 15.85
CA PHE B 173 2.51 16.60 17.14
C PHE B 173 1.04 16.94 17.38
N SER B 174 0.16 16.19 16.72
CA SER B 174 -1.29 16.35 16.89
C SER B 174 -1.88 15.07 17.49
N ALA B 175 -2.49 15.22 18.68
CA ALA B 175 -3.09 14.08 19.39
C ALA B 175 -4.33 13.52 18.70
N ASP B 176 -5.04 14.38 17.96
CA ASP B 176 -6.34 14.02 17.35
C ASP B 176 -6.26 13.43 15.93
N ARG B 177 -5.07 13.01 15.51
CA ARG B 177 -4.91 12.33 14.23
C ARG B 177 -5.46 10.90 14.33
N PRO B 178 -5.78 10.30 13.18
CA PRO B 178 -6.24 8.91 13.17
C PRO B 178 -5.19 7.92 13.66
N ASN B 179 -5.63 6.96 14.46
CA ASN B 179 -4.81 5.83 14.93
C ASN B 179 -3.63 6.21 15.81
N VAL B 180 -3.79 7.25 16.62
CA VAL B 180 -2.74 7.63 17.55
C VAL B 180 -2.97 6.84 18.82
N GLN B 181 -2.01 5.99 19.17
CA GLN B 181 -2.13 5.14 20.37
C GLN B 181 -1.99 5.90 21.69
N GLU B 182 -1.09 6.88 21.75
CA GLU B 182 -0.89 7.66 22.97
C GLU B 182 -1.06 9.13 22.68
N PRO B 183 -2.31 9.62 22.68
CA PRO B 183 -2.58 11.05 22.55
C PRO B 183 -1.91 11.92 23.63
N GLY B 184 -1.92 11.43 24.86
CA GLY B 184 -1.37 12.18 25.99
C GLY B 184 0.10 12.53 25.80
N ARG B 185 0.84 11.58 25.26
CA ARG B 185 2.27 11.78 24.99
C ARG B 185 2.52 12.80 23.91
N VAL B 186 1.78 12.73 22.81
CA VAL B 186 2.04 13.63 21.69
C VAL B 186 1.52 15.03 21.98
N GLU B 187 0.43 15.14 22.74
CA GLU B 187 -0.06 16.45 23.17
C GLU B 187 0.96 17.12 24.10
N ALA B 188 1.54 16.34 25.01
CA ALA B 188 2.58 16.81 25.92
C ALA B 188 3.81 17.32 25.18
N LEU B 189 4.16 16.66 24.09
CA LEU B 189 5.23 17.11 23.20
C LEU B 189 4.93 18.40 22.45
N GLN B 190 3.64 18.63 22.19
CA GLN B 190 3.20 19.79 21.43
C GLN B 190 3.28 21.13 22.17
N GLN B 191 2.90 21.16 23.43
CA GLN B 191 2.76 22.43 24.17
C GLN B 191 4.02 23.30 24.33
N PRO B 192 5.21 22.69 24.45
CA PRO B 192 6.40 23.53 24.36
C PRO B 192 6.42 24.41 23.12
N TYR B 193 6.02 23.84 21.99
CA TYR B 193 5.95 24.55 20.70
C TYR B 193 4.84 25.57 20.66
N VAL B 194 3.69 25.22 21.22
CA VAL B 194 2.57 26.15 21.27
C VAL B 194 2.90 27.32 22.20
N GLU B 195 3.49 27.03 23.36
CA GLU B 195 3.96 28.06 24.27
C GLU B 195 4.95 28.99 23.59
N ALA B 196 5.87 28.39 22.82
CA ALA B 196 6.90 29.13 22.12
C ALA B 196 6.32 30.03 21.05
N LEU B 197 5.40 29.50 20.24
CA LEU B 197 4.79 30.28 19.19
C LEU B 197 4.06 31.49 19.74
N LEU B 198 3.26 31.23 20.76
CA LEU B 198 2.44 32.24 21.42
C LEU B 198 3.27 33.39 21.96
N SER B 199 4.31 33.03 22.72
CA SER B 199 5.24 34.00 23.27
C SER B 199 6.01 34.74 22.18
N TYR B 200 6.45 34.01 21.17
CA TYR B 200 7.20 34.60 20.07
C TYR B 200 6.36 35.65 19.35
N THR B 201 5.13 35.28 18.99
CA THR B 201 4.21 36.19 18.32
C THR B 201 3.85 37.41 19.16
N ARG B 202 3.59 37.18 20.44
CA ARG B 202 3.29 38.27 21.38
C ARG B 202 4.39 39.33 21.38
N ILE B 203 5.63 38.87 21.44
CA ILE B 203 6.80 39.75 21.43
C ILE B 203 6.95 40.49 20.12
N LYS B 204 6.91 39.75 19.03
CA LYS B 204 7.15 40.30 17.69
C LYS B 204 6.05 41.22 17.18
N ARG B 205 4.81 40.93 17.54
CA ARG B 205 3.67 41.76 17.16
C ARG B 205 2.79 42.01 18.37
N PRO B 206 3.22 42.91 19.29
CA PRO B 206 2.40 43.27 20.44
C PRO B 206 1.06 43.93 20.08
N GLN B 207 1.08 44.81 19.07
CA GLN B 207 -0.14 45.49 18.62
C GLN B 207 -1.18 44.50 18.06
N ASP B 208 -0.70 43.53 17.27
CA ASP B 208 -1.58 42.55 16.62
C ASP B 208 -1.71 41.27 17.42
N GLN B 209 -2.55 41.29 18.46
CA GLN B 209 -2.80 40.08 19.27
C GLN B 209 -3.55 38.97 18.52
N LEU B 210 -4.23 39.31 17.41
CA LEU B 210 -5.01 38.33 16.64
C LEU B 210 -4.27 37.54 15.59
N ARG B 211 -3.00 37.83 15.37
CA ARG B 211 -2.26 37.09 14.35
C ARG B 211 -1.99 35.64 14.74
N PHE B 212 -1.80 35.39 16.03
CA PHE B 212 -1.58 34.04 16.54
C PHE B 212 -2.78 33.10 16.27
N PRO B 213 -4.02 33.55 16.59
CA PRO B 213 -5.24 32.82 16.24
C PRO B 213 -5.33 32.47 14.77
N ARG B 214 -4.99 33.43 13.92
CA ARG B 214 -5.06 33.25 12.48
C ARG B 214 -4.12 32.15 11.98
N MET B 215 -2.97 32.02 12.63
CA MET B 215 -2.01 30.96 12.30
C MET B 215 -2.55 29.60 12.66
N LEU B 216 -3.18 29.50 13.82
CA LEU B 216 -3.86 28.28 14.25
C LEU B 216 -5.08 27.93 13.43
N MET B 217 -5.80 28.95 12.98
CA MET B 217 -6.95 28.71 12.12
C MET B 217 -6.54 28.08 10.79
N LYS B 218 -5.29 28.28 10.39
CA LYS B 218 -4.71 27.60 9.23
C LYS B 218 -4.61 26.11 9.38
N LEU B 219 -4.38 25.64 10.60
CA LEU B 219 -4.34 24.21 10.89
C LEU B 219 -5.66 23.51 10.64
N VAL B 220 -6.76 24.23 10.84
CA VAL B 220 -8.10 23.68 10.61
C VAL B 220 -8.35 23.57 9.10
N SER B 221 -7.93 24.58 8.36
CA SER B 221 -8.06 24.59 6.91
C SER B 221 -7.24 23.46 6.30
N LEU B 222 -6.06 23.21 6.87
CA LEU B 222 -5.20 22.12 6.43
C LEU B 222 -5.83 20.74 6.56
N ARG B 223 -6.62 20.55 7.61
CA ARG B 223 -7.35 19.29 7.80
C ARG B 223 -8.27 19.00 6.65
N THR B 224 -9.01 20.03 6.23
CA THR B 224 -9.93 19.88 5.11
C THR B 224 -9.16 19.58 3.83
N LEU B 225 -8.06 20.30 3.62
CA LEU B 225 -7.20 20.04 2.46
C LEU B 225 -6.65 18.63 2.41
N SER B 226 -6.40 18.05 3.57
CA SER B 226 -5.95 16.66 3.70
C SER B 226 -7.01 15.67 3.20
N SER B 227 -8.27 15.92 3.55
CA SER B 227 -9.37 15.06 3.10
C SER B 227 -9.60 15.17 1.60
N VAL B 228 -9.52 16.39 1.11
CA VAL B 228 -9.71 16.69 -0.31
C VAL B 228 -8.58 16.11 -1.14
N HIS B 229 -7.38 16.11 -0.56
CA HIS B 229 -6.22 15.44 -1.17
C HIS B 229 -6.47 13.94 -1.33
N SER B 230 -7.03 13.33 -0.28
CA SER B 230 -7.44 11.94 -0.33
C SER B 230 -8.42 11.66 -1.46
N GLU B 231 -9.37 12.59 -1.65
CA GLU B 231 -10.37 12.49 -2.72
C GLU B 231 -9.73 12.57 -4.11
N GLN B 232 -8.77 13.48 -4.27
CA GLN B 232 -8.02 13.59 -5.53
C GLN B 232 -7.22 12.34 -5.83
N VAL B 233 -6.52 11.83 -4.82
CA VAL B 233 -5.67 10.64 -4.97
C VAL B 233 -6.49 9.42 -5.44
N PHE B 234 -7.67 9.24 -4.85
CA PHE B 234 -8.60 8.20 -5.26
C PHE B 234 -9.09 8.41 -6.70
N ALA B 235 -9.45 9.65 -7.03
CA ALA B 235 -9.90 10.00 -8.38
C ALA B 235 -8.81 9.73 -9.41
N LEU B 236 -7.57 10.02 -9.02
CA LEU B 236 -6.41 9.71 -9.84
C LEU B 236 -6.28 8.20 -10.05
N ARG B 237 -6.52 7.43 -9.00
CA ARG B 237 -6.43 5.97 -9.08
C ARG B 237 -7.37 5.33 -10.11
N LEU B 238 -8.57 5.92 -10.24
CA LEU B 238 -9.55 5.44 -11.23
C LEU B 238 -9.08 5.62 -12.68
N GLN B 239 -8.24 6.64 -12.91
CA GLN B 239 -7.66 6.91 -14.24
C GLN B 239 -6.34 6.18 -14.51
N ASP B 240 -6.08 5.08 -13.80
CA ASP B 240 -4.84 4.29 -13.94
C ASP B 240 -3.58 5.08 -13.55
N LYS B 241 -3.72 5.95 -12.54
CA LYS B 241 -2.60 6.74 -12.00
C LYS B 241 -2.20 6.15 -10.65
N LYS B 242 -1.48 5.04 -10.70
CA LYS B 242 -1.08 4.32 -9.50
C LYS B 242 0.13 5.00 -8.86
N LEU B 243 0.05 5.19 -7.54
CA LEU B 243 1.13 5.85 -6.79
C LEU B 243 2.29 4.88 -6.55
N PRO B 244 3.52 5.42 -6.39
CA PRO B 244 4.66 4.57 -6.06
C PRO B 244 4.52 3.89 -4.69
N PRO B 245 5.35 2.88 -4.41
CA PRO B 245 5.29 2.14 -3.16
C PRO B 245 5.24 2.97 -1.89
N LEU B 246 6.16 3.92 -1.77
CA LEU B 246 6.20 4.76 -0.58
C LEU B 246 4.95 5.64 -0.45
N LEU B 247 4.62 6.38 -1.50
CA LEU B 247 3.50 7.31 -1.44
C LEU B 247 2.16 6.64 -1.18
N SER B 248 2.02 5.39 -1.63
CA SER B 248 0.81 4.62 -1.36
C SER B 248 0.68 4.24 0.12
N GLU B 249 1.80 4.05 0.81
CA GLU B 249 1.76 3.80 2.25
C GLU B 249 1.06 4.94 2.97
N ILE B 250 1.52 6.16 2.70
CA ILE B 250 1.02 7.35 3.40
C ILE B 250 -0.32 7.93 2.91
N TRP B 251 -0.61 7.83 1.61
CA TRP B 251 -1.79 8.50 1.04
C TRP B 251 -2.99 7.63 0.66
N ASP B 252 -2.75 6.37 0.30
CA ASP B 252 -3.83 5.42 0.05
C ASP B 252 -4.24 4.74 1.35
N SER B 261 0.79 -2.16 7.18
CA SER B 261 1.59 -2.23 5.96
C SER B 261 2.31 -0.90 5.68
N HIS B 262 3.46 -0.71 6.33
CA HIS B 262 4.28 0.49 6.17
C HIS B 262 5.76 0.14 6.01
N LYS B 263 6.05 -0.79 5.09
CA LYS B 263 7.39 -1.38 4.95
C LYS B 263 8.49 -0.35 4.68
N ILE B 264 8.24 0.55 3.74
CA ILE B 264 9.20 1.60 3.38
C ILE B 264 9.31 2.65 4.47
N LEU B 265 8.17 3.01 5.07
CA LEU B 265 8.13 4.06 6.09
C LEU B 265 8.78 3.65 7.40
N HIS B 266 8.56 2.41 7.81
CA HIS B 266 9.26 1.83 8.97
C HIS B 266 10.78 1.95 8.79
N ARG B 267 11.24 1.63 7.59
CA ARG B 267 12.66 1.63 7.26
C ARG B 267 13.30 3.02 7.30
N LEU B 268 12.58 4.03 6.81
CA LEU B 268 13.13 5.39 6.76
C LEU B 268 13.39 5.97 8.13
N LEU B 269 12.45 5.72 9.05
CA LEU B 269 12.59 6.19 10.41
C LEU B 269 13.79 5.55 11.10
N GLN B 270 14.03 4.27 10.81
CA GLN B 270 15.22 3.56 11.28
C GLN B 270 16.40 3.81 10.34
N ASP B 271 17.21 4.83 10.67
CA ASP B 271 18.39 5.16 9.87
C ASP B 271 19.32 6.12 10.61
N VAL C 12 5.15 -44.52 -29.59
CA VAL C 12 4.13 -43.44 -29.41
C VAL C 12 2.83 -43.96 -28.78
N GLN C 13 2.97 -44.58 -27.62
CA GLN C 13 1.83 -45.07 -26.83
C GLN C 13 2.29 -45.41 -25.41
N LEU C 14 1.38 -45.25 -24.45
CA LEU C 14 1.67 -45.51 -23.05
C LEU C 14 2.00 -46.98 -22.75
N THR C 15 2.59 -47.17 -21.58
CA THR C 15 2.95 -48.49 -21.08
C THR C 15 1.93 -48.84 -20.02
N ALA C 16 1.81 -50.14 -19.74
CA ALA C 16 0.96 -50.63 -18.66
C ALA C 16 1.37 -50.00 -17.32
N ALA C 17 2.68 -49.86 -17.12
CA ALA C 17 3.23 -49.20 -15.92
C ALA C 17 2.82 -47.75 -15.83
N GLN C 18 2.97 -47.04 -16.96
CA GLN C 18 2.54 -45.65 -17.05
C GLN C 18 1.02 -45.51 -16.92
N GLU C 19 0.27 -46.37 -17.61
CA GLU C 19 -1.20 -46.40 -17.49
C GLU C 19 -1.64 -46.64 -16.06
N LEU C 20 -0.98 -47.59 -15.41
CA LEU C 20 -1.26 -47.97 -14.03
C LEU C 20 -1.02 -46.84 -13.04
N MET C 21 0.10 -46.13 -13.22
CA MET C 21 0.45 -44.98 -12.36
C MET C 21 -0.55 -43.83 -12.44
N ILE C 22 -0.99 -43.53 -13.66
CA ILE C 22 -1.90 -42.43 -13.89
C ILE C 22 -3.20 -42.75 -13.18
N GLN C 23 -3.66 -43.99 -13.34
CA GLN C 23 -4.88 -44.43 -12.67
C GLN C 23 -4.78 -44.33 -11.15
N GLN C 24 -3.64 -44.70 -10.59
CA GLN C 24 -3.39 -44.57 -9.15
C GLN C 24 -3.51 -43.11 -8.70
N LEU C 25 -2.91 -42.21 -9.48
CA LEU C 25 -2.92 -40.79 -9.15
C LEU C 25 -4.31 -40.20 -9.19
N VAL C 26 -5.06 -40.47 -10.26
CA VAL C 26 -6.41 -39.87 -10.41
C VAL C 26 -7.34 -40.48 -9.37
N ALA C 27 -7.22 -41.79 -9.14
CA ALA C 27 -7.98 -42.49 -8.11
C ALA C 27 -7.72 -41.90 -6.73
N ALA C 28 -6.45 -41.67 -6.43
CA ALA C 28 -6.04 -40.98 -5.20
C ALA C 28 -6.52 -39.54 -5.18
N GLN C 29 -6.35 -38.86 -6.31
CA GLN C 29 -6.82 -37.48 -6.50
C GLN C 29 -8.34 -37.35 -6.32
N LEU C 30 -9.07 -38.38 -6.71
CA LEU C 30 -10.54 -38.42 -6.53
C LEU C 30 -11.02 -38.55 -5.09
N GLN C 31 -10.18 -39.11 -4.22
CA GLN C 31 -10.45 -39.12 -2.77
C GLN C 31 -10.39 -37.72 -2.17
N CYS C 32 -9.70 -36.81 -2.84
CA CYS C 32 -9.61 -35.41 -2.45
C CYS C 32 -10.87 -34.62 -2.83
N ASN C 33 -11.06 -33.50 -2.13
CA ASN C 33 -12.18 -32.58 -2.36
C ASN C 33 -13.54 -33.28 -2.28
N LYS C 34 -13.71 -34.11 -1.26
CA LYS C 34 -14.94 -34.89 -1.06
C LYS C 34 -15.94 -34.22 -0.13
N ARG C 35 -15.47 -33.29 0.71
CA ARG C 35 -16.29 -32.66 1.72
C ARG C 35 -17.20 -31.58 1.15
N SER C 36 -18.50 -31.71 1.40
CA SER C 36 -19.53 -30.84 0.84
C SER C 36 -20.07 -29.84 1.86
N PHE C 37 -20.59 -28.73 1.35
CA PHE C 37 -21.11 -27.63 2.16
C PHE C 37 -22.34 -28.02 2.99
N SER C 38 -23.17 -28.91 2.45
CA SER C 38 -24.33 -29.44 3.16
C SER C 38 -23.91 -30.42 4.26
N ASP C 39 -23.06 -31.37 3.90
CA ASP C 39 -22.51 -32.35 4.84
C ASP C 39 -21.57 -31.74 5.90
N GLN C 40 -20.96 -30.60 5.57
CA GLN C 40 -20.01 -29.92 6.45
C GLN C 40 -20.67 -29.31 7.69
N PRO C 41 -20.13 -29.62 8.90
CA PRO C 41 -20.50 -28.80 10.07
C PRO C 41 -19.98 -27.36 9.98
N SER C 58 -14.97 -9.71 8.35
CA SER C 58 -13.53 -9.82 8.13
C SER C 58 -12.97 -11.10 8.73
N GLN C 59 -13.12 -11.26 10.04
CA GLN C 59 -12.61 -12.43 10.76
C GLN C 59 -13.53 -13.66 10.65
N GLN C 60 -14.83 -13.41 10.49
CA GLN C 60 -15.78 -14.47 10.13
C GLN C 60 -15.41 -15.05 8.76
N ARG C 61 -15.02 -14.17 7.85
CA ARG C 61 -14.54 -14.56 6.51
C ARG C 61 -13.19 -15.27 6.60
N PHE C 62 -12.30 -14.73 7.44
CA PHE C 62 -10.97 -15.28 7.60
C PHE C 62 -10.97 -16.69 8.21
N ALA C 63 -11.68 -16.82 9.33
CA ALA C 63 -11.79 -18.09 10.05
C ALA C 63 -12.30 -19.20 9.14
N HIS C 64 -13.22 -18.85 8.26
CA HIS C 64 -13.78 -19.74 7.24
C HIS C 64 -12.71 -20.35 6.34
N PHE C 65 -11.81 -19.50 5.85
CA PHE C 65 -10.74 -19.92 4.95
C PHE C 65 -9.72 -20.82 5.60
N THR C 66 -9.27 -20.39 6.77
CA THR C 66 -8.29 -21.15 7.51
C THR C 66 -8.89 -22.49 7.83
N GLU C 67 -10.11 -22.49 8.39
CA GLU C 67 -10.82 -23.73 8.68
C GLU C 67 -10.73 -24.62 7.48
N LEU C 68 -11.18 -24.10 6.34
CA LEU C 68 -11.22 -24.87 5.10
C LEU C 68 -9.88 -25.28 4.53
N ALA C 69 -8.85 -24.49 4.79
CA ALA C 69 -7.49 -24.84 4.39
C ALA C 69 -7.03 -26.11 5.10
N ILE C 70 -7.21 -26.15 6.42
CA ILE C 70 -6.77 -27.31 7.23
C ILE C 70 -7.31 -28.62 6.67
N ILE C 71 -8.56 -28.59 6.22
CA ILE C 71 -9.19 -29.78 5.66
C ILE C 71 -8.38 -30.17 4.43
N SER C 72 -8.16 -29.20 3.56
CA SER C 72 -7.45 -29.41 2.28
C SER C 72 -6.00 -29.84 2.48
N VAL C 73 -5.30 -29.17 3.40
CA VAL C 73 -3.90 -29.48 3.70
C VAL C 73 -3.80 -30.93 4.11
N GLN C 74 -4.67 -31.32 5.05
CA GLN C 74 -4.73 -32.68 5.57
C GLN C 74 -5.00 -33.70 4.46
N GLU C 75 -5.87 -33.36 3.54
CA GLU C 75 -6.08 -34.18 2.34
C GLU C 75 -4.83 -34.25 1.46
N ILE C 76 -4.13 -33.12 1.33
CA ILE C 76 -2.91 -33.06 0.54
C ILE C 76 -1.80 -33.96 1.08
N VAL C 77 -1.65 -33.98 2.40
CA VAL C 77 -0.64 -34.83 3.04
C VAL C 77 -0.97 -36.30 2.77
N ASP C 78 -2.25 -36.65 2.90
CA ASP C 78 -2.73 -38.02 2.65
C ASP C 78 -2.51 -38.49 1.23
N PHE C 79 -2.80 -37.59 0.29
CA PHE C 79 -2.54 -37.81 -1.12
C PHE C 79 -1.05 -38.06 -1.34
N ALA C 80 -0.23 -37.24 -0.68
CA ALA C 80 1.23 -37.30 -0.77
C ALA C 80 1.86 -38.61 -0.29
N LYS C 81 1.24 -39.27 0.67
CA LYS C 81 1.71 -40.57 1.12
C LYS C 81 1.42 -41.65 0.08
N GLN C 82 0.27 -41.52 -0.58
CA GLN C 82 -0.17 -42.47 -1.60
C GLN C 82 0.75 -42.54 -2.80
N VAL C 83 1.25 -41.39 -3.24
CA VAL C 83 2.13 -41.36 -4.41
C VAL C 83 3.40 -42.17 -4.13
N PRO C 84 3.80 -42.95 -5.12
CA PRO C 84 5.00 -43.79 -5.00
C PRO C 84 6.30 -42.98 -4.89
N GLY C 85 7.22 -43.44 -4.06
CA GLY C 85 8.49 -42.77 -3.88
C GLY C 85 8.49 -41.57 -2.96
N PHE C 86 7.38 -41.32 -2.29
CA PHE C 86 7.32 -40.19 -1.37
C PHE C 86 7.60 -40.57 0.07
N LEU C 87 6.96 -41.65 0.51
CA LEU C 87 7.17 -42.20 1.85
C LEU C 87 8.59 -42.70 2.09
N GLN C 88 9.23 -43.09 1.00
CA GLN C 88 10.56 -43.67 1.01
C GLN C 88 11.63 -42.60 1.30
N LEU C 89 11.36 -41.36 0.89
CA LEU C 89 12.23 -40.22 1.23
C LEU C 89 12.30 -40.03 2.74
N GLY C 90 13.39 -39.43 3.18
CA GLY C 90 13.58 -39.09 4.59
C GLY C 90 12.62 -38.00 5.04
N ARG C 91 12.30 -38.01 6.32
CA ARG C 91 11.25 -37.18 6.89
C ARG C 91 11.48 -35.68 6.70
N GLU C 92 12.67 -35.18 6.98
CA GLU C 92 12.91 -33.72 6.92
C GLU C 92 12.78 -33.13 5.51
N ASP C 93 12.95 -33.94 4.47
CA ASP C 93 12.68 -33.52 3.09
C ASP C 93 11.23 -33.71 2.65
N GLN C 94 10.54 -34.69 3.23
CA GLN C 94 9.08 -34.80 3.05
C GLN C 94 8.38 -33.53 3.54
N ILE C 95 8.92 -32.93 4.61
CA ILE C 95 8.41 -31.66 5.14
C ILE C 95 8.69 -30.54 4.13
N ALA C 96 9.92 -30.49 3.63
CA ALA C 96 10.36 -29.44 2.69
C ALA C 96 9.54 -29.39 1.40
N LEU C 97 9.26 -30.55 0.82
CA LEU C 97 8.45 -30.64 -0.39
C LEU C 97 7.00 -30.23 -0.15
N LEU C 98 6.43 -30.73 0.95
CA LEU C 98 5.07 -30.38 1.30
C LEU C 98 4.96 -28.91 1.64
N LYS C 99 5.82 -28.39 2.51
CA LYS C 99 5.71 -26.98 2.91
C LYS C 99 5.47 -26.03 1.74
N ALA C 100 6.26 -26.18 0.68
CA ALA C 100 6.22 -25.27 -0.47
C ALA C 100 5.11 -25.56 -1.47
N SER C 101 4.97 -26.83 -1.85
CA SER C 101 4.02 -27.24 -2.90
C SER C 101 2.54 -27.15 -2.51
N THR C 102 2.23 -27.19 -1.22
CA THR C 102 0.83 -27.30 -0.76
C THR C 102 -0.04 -26.17 -1.24
N ILE C 103 0.50 -24.95 -1.20
CA ILE C 103 -0.20 -23.81 -1.77
C ILE C 103 -0.40 -23.94 -3.29
N GLU C 104 0.60 -24.50 -3.95
CA GLU C 104 0.63 -24.58 -5.41
C GLU C 104 -0.35 -25.65 -5.89
N ILE C 105 -0.48 -26.72 -5.13
CA ILE C 105 -1.51 -27.74 -5.39
C ILE C 105 -2.89 -27.13 -5.24
N MET C 106 -3.10 -26.38 -4.16
CA MET C 106 -4.38 -25.70 -3.94
C MET C 106 -4.73 -24.89 -5.17
N LEU C 107 -3.76 -24.11 -5.64
CA LEU C 107 -3.92 -23.26 -6.81
C LEU C 107 -4.21 -24.03 -8.08
N LEU C 108 -3.55 -25.17 -8.26
CA LEU C 108 -3.87 -26.07 -9.37
C LEU C 108 -5.30 -26.58 -9.30
N GLU C 109 -5.76 -26.89 -8.10
CA GLU C 109 -7.10 -27.40 -7.89
C GLU C 109 -8.19 -26.33 -8.04
N THR C 110 -7.89 -25.10 -7.61
CA THR C 110 -8.83 -23.97 -7.78
C THR C 110 -9.03 -23.68 -9.27
N ALA C 111 -7.94 -23.79 -10.03
CA ALA C 111 -7.94 -23.59 -11.47
C ALA C 111 -8.70 -24.67 -12.21
N ARG C 112 -8.61 -25.90 -11.75
CA ARG C 112 -9.31 -27.00 -12.40
C ARG C 112 -10.83 -26.81 -12.41
N ARG C 113 -11.37 -26.32 -11.30
CA ARG C 113 -12.81 -26.11 -11.16
C ARG C 113 -13.28 -24.68 -11.36
N TYR C 114 -12.37 -23.82 -11.82
CA TYR C 114 -12.70 -22.46 -12.16
C TYR C 114 -13.81 -22.48 -13.20
N ASN C 115 -14.84 -21.68 -12.97
CA ASN C 115 -15.96 -21.60 -13.89
C ASN C 115 -15.87 -20.29 -14.66
N HIS C 116 -15.83 -20.39 -15.98
CA HIS C 116 -15.65 -19.23 -16.85
C HIS C 116 -16.84 -18.28 -16.85
N GLU C 117 -18.04 -18.85 -16.83
CA GLU C 117 -19.27 -18.07 -16.99
C GLU C 117 -19.59 -17.25 -15.75
N THR C 118 -19.55 -17.91 -14.60
CA THR C 118 -19.84 -17.26 -13.31
C THR C 118 -18.64 -16.45 -12.82
N GLU C 119 -17.43 -16.92 -13.13
CA GLU C 119 -16.18 -16.43 -12.54
C GLU C 119 -16.17 -16.67 -11.01
N CYS C 120 -16.44 -17.92 -10.65
CA CYS C 120 -16.43 -18.37 -9.26
C CYS C 120 -15.56 -19.61 -9.15
N ILE C 121 -14.48 -19.48 -8.38
CA ILE C 121 -13.60 -20.62 -8.09
C ILE C 121 -14.25 -21.47 -7.00
N THR C 122 -14.16 -22.78 -7.19
CA THR C 122 -14.71 -23.73 -6.26
C THR C 122 -13.59 -24.25 -5.38
N PHE C 123 -13.89 -24.37 -4.09
CA PHE C 123 -12.99 -24.99 -3.13
C PHE C 123 -13.71 -26.14 -2.47
N LEU C 124 -13.00 -27.26 -2.32
CA LEU C 124 -13.59 -28.48 -1.78
C LEU C 124 -14.69 -28.97 -2.71
N LYS C 125 -15.60 -29.80 -2.22
CA LYS C 125 -16.64 -30.33 -3.08
C LYS C 125 -17.52 -29.26 -3.73
N ASP C 126 -18.00 -28.29 -2.95
CA ASP C 126 -18.99 -27.34 -3.48
C ASP C 126 -19.06 -25.94 -2.87
N PHE C 127 -17.92 -25.37 -2.50
CA PHE C 127 -17.93 -24.05 -1.91
C PHE C 127 -17.48 -23.17 -3.06
N THR C 128 -18.28 -22.17 -3.41
CA THR C 128 -18.04 -21.30 -4.57
C THR C 128 -17.98 -19.84 -4.14
N TYR C 129 -16.95 -19.13 -4.64
CA TYR C 129 -16.63 -17.79 -4.17
C TYR C 129 -16.25 -16.97 -5.37
N SER C 130 -16.93 -15.84 -5.54
CA SER C 130 -16.60 -14.89 -6.59
C SER C 130 -15.34 -14.14 -6.19
N LYS C 131 -14.71 -13.48 -7.15
CA LYS C 131 -13.54 -12.62 -6.87
C LYS C 131 -13.90 -11.48 -5.90
N ASP C 132 -15.14 -10.99 -6.01
CA ASP C 132 -15.68 -10.00 -5.09
C ASP C 132 -15.82 -10.54 -3.66
N ASP C 133 -16.18 -11.82 -3.54
CA ASP C 133 -16.27 -12.49 -2.23
C ASP C 133 -14.97 -12.37 -1.45
N PHE C 134 -13.86 -12.45 -2.17
CA PHE C 134 -12.51 -12.34 -1.58
C PHE C 134 -12.13 -10.99 -1.04
N HIS C 135 -12.49 -9.92 -1.76
CA HIS C 135 -12.18 -8.57 -1.31
C HIS C 135 -12.75 -8.29 0.09
N ARG C 136 -13.93 -8.83 0.36
CA ARG C 136 -14.57 -8.75 1.67
C ARG C 136 -13.77 -9.39 2.80
N ALA C 137 -13.06 -10.48 2.50
CA ALA C 137 -12.09 -11.08 3.42
C ALA C 137 -10.88 -10.17 3.65
N GLY C 138 -10.71 -9.19 2.75
CA GLY C 138 -9.67 -8.17 2.88
C GLY C 138 -8.39 -8.57 2.19
N LEU C 139 -8.47 -9.59 1.33
CA LEU C 139 -7.33 -10.00 0.57
C LEU C 139 -6.97 -8.89 -0.41
N GLN C 140 -5.69 -8.77 -0.69
CA GLN C 140 -5.14 -7.66 -1.48
C GLN C 140 -5.22 -7.93 -2.98
N VAL C 141 -5.49 -6.88 -3.76
CA VAL C 141 -5.62 -6.97 -5.23
C VAL C 141 -4.38 -7.51 -5.94
N GLU C 142 -3.22 -7.28 -5.33
CA GLU C 142 -1.93 -7.80 -5.83
C GLU C 142 -1.88 -9.33 -5.74
N PHE C 143 -2.64 -9.89 -4.78
CA PHE C 143 -2.76 -11.33 -4.56
C PHE C 143 -3.89 -12.00 -5.36
N ILE C 144 -5.08 -11.40 -5.36
CA ILE C 144 -6.27 -12.07 -5.94
C ILE C 144 -6.22 -12.15 -7.47
N ASN C 145 -5.93 -11.04 -8.14
CA ASN C 145 -6.01 -10.99 -9.61
C ASN C 145 -5.12 -12.02 -10.34
N PRO C 146 -3.88 -12.21 -9.88
CA PRO C 146 -3.04 -13.29 -10.41
C PRO C 146 -3.62 -14.70 -10.28
N ILE C 147 -4.38 -14.94 -9.22
CA ILE C 147 -5.04 -16.25 -9.03
C ILE C 147 -6.04 -16.49 -10.15
N PHE C 148 -6.85 -15.48 -10.44
CA PHE C 148 -7.86 -15.57 -11.48
C PHE C 148 -7.28 -15.58 -12.88
N GLU C 149 -6.22 -14.81 -13.09
CA GLU C 149 -5.46 -14.85 -14.34
C GLU C 149 -4.81 -16.21 -14.56
N PHE C 150 -4.34 -16.82 -13.47
CA PHE C 150 -3.82 -18.18 -13.52
C PHE C 150 -4.92 -19.18 -13.86
N SER C 151 -6.06 -19.04 -13.20
CA SER C 151 -7.20 -19.93 -13.45
C SER C 151 -7.74 -19.80 -14.88
N ARG C 152 -7.79 -18.58 -15.40
CA ARG C 152 -8.18 -18.37 -16.79
C ARG C 152 -7.18 -19.02 -17.76
N ALA C 153 -5.89 -18.79 -17.51
CA ALA C 153 -4.81 -19.26 -18.39
C ALA C 153 -4.76 -20.78 -18.53
N MET C 154 -4.93 -21.47 -17.40
CA MET C 154 -4.96 -22.92 -17.36
C MET C 154 -6.19 -23.53 -18.03
N ARG C 155 -7.33 -22.85 -17.90
CA ARG C 155 -8.56 -23.28 -18.55
C ARG C 155 -8.43 -23.23 -20.08
N ARG C 156 -7.68 -22.26 -20.57
CA ARG C 156 -7.37 -22.16 -22.01
C ARG C 156 -6.60 -23.37 -22.56
N LEU C 157 -5.76 -23.98 -21.73
CA LEU C 157 -5.04 -25.21 -22.10
C LEU C 157 -5.92 -26.43 -22.31
N GLY C 158 -6.94 -26.53 -21.46
CA GLY C 158 -7.95 -27.59 -21.57
C GLY C 158 -7.42 -28.93 -21.09
N LEU C 159 -6.99 -28.95 -19.83
CA LEU C 159 -6.42 -30.14 -19.23
C LEU C 159 -7.49 -31.02 -18.61
N ASP C 160 -7.35 -32.33 -18.81
CA ASP C 160 -8.23 -33.31 -18.18
C ASP C 160 -7.72 -33.69 -16.80
N ASP C 161 -8.50 -34.50 -16.08
CA ASP C 161 -8.14 -34.95 -14.73
C ASP C 161 -6.81 -35.72 -14.66
N ALA C 162 -6.49 -36.46 -15.73
CA ALA C 162 -5.22 -37.20 -15.79
C ALA C 162 -4.02 -36.26 -15.89
N GLU C 163 -4.12 -35.26 -16.75
CA GLU C 163 -3.07 -34.23 -16.89
C GLU C 163 -2.86 -33.39 -15.63
N TYR C 164 -3.97 -33.03 -14.96
CA TYR C 164 -3.88 -32.33 -13.67
C TYR C 164 -3.20 -33.19 -12.61
N ALA C 165 -3.57 -34.46 -12.54
CA ALA C 165 -3.01 -35.41 -11.58
C ALA C 165 -1.50 -35.59 -11.75
N LEU C 166 -1.05 -35.73 -13.00
CA LEU C 166 0.37 -35.85 -13.31
C LEU C 166 1.13 -34.57 -12.96
N LEU C 167 0.54 -33.42 -13.29
CA LEU C 167 1.16 -32.13 -13.04
C LEU C 167 1.33 -31.83 -11.55
N ILE C 168 0.40 -32.31 -10.73
CA ILE C 168 0.49 -32.18 -9.27
C ILE C 168 1.68 -32.97 -8.73
N ALA C 169 1.84 -34.20 -9.21
CA ALA C 169 2.95 -35.07 -8.79
C ALA C 169 4.30 -34.47 -9.15
N ILE C 170 4.40 -34.01 -10.40
CA ILE C 170 5.59 -33.31 -10.89
C ILE C 170 5.92 -32.14 -9.99
N ASN C 171 4.88 -31.42 -9.58
CA ASN C 171 5.01 -30.27 -8.71
C ASN C 171 5.58 -30.63 -7.34
N ILE C 172 5.09 -31.73 -6.77
CA ILE C 172 5.49 -32.17 -5.43
C ILE C 172 6.98 -32.45 -5.35
N PHE C 173 7.46 -33.28 -6.27
CA PHE C 173 8.87 -33.62 -6.34
C PHE C 173 9.64 -32.52 -7.02
N SER C 174 9.72 -31.38 -6.36
CA SER C 174 10.48 -30.26 -6.83
C SER C 174 11.74 -30.22 -5.99
N ALA C 175 12.88 -30.43 -6.63
CA ALA C 175 14.16 -30.46 -5.94
C ALA C 175 14.76 -29.08 -5.78
N ASP C 176 14.09 -28.06 -6.32
CA ASP C 176 14.53 -26.66 -6.19
C ASP C 176 13.94 -25.98 -4.96
N ARG C 177 13.24 -26.73 -4.12
CA ARG C 177 12.63 -26.17 -2.92
C ARG C 177 13.71 -25.82 -1.92
N PRO C 178 13.41 -24.89 -1.00
CA PRO C 178 14.35 -24.54 0.06
C PRO C 178 14.61 -25.70 1.01
N ASN C 179 15.87 -25.87 1.39
CA ASN C 179 16.30 -26.84 2.40
C ASN C 179 15.99 -28.30 2.03
N VAL C 180 16.28 -28.66 0.78
CA VAL C 180 16.19 -30.05 0.33
C VAL C 180 17.57 -30.69 0.52
N GLN C 181 17.61 -31.73 1.35
CA GLN C 181 18.86 -32.42 1.71
C GLN C 181 19.41 -33.33 0.62
N GLU C 182 18.50 -33.94 -0.16
CA GLU C 182 18.90 -34.87 -1.23
C GLU C 182 18.23 -34.50 -2.56
N PRO C 183 18.71 -33.43 -3.23
CA PRO C 183 18.15 -32.98 -4.51
C PRO C 183 18.08 -34.01 -5.62
N GLY C 184 19.18 -34.72 -5.85
CA GLY C 184 19.26 -35.72 -6.91
C GLY C 184 18.27 -36.86 -6.76
N ARG C 185 18.00 -37.25 -5.52
CA ARG C 185 17.01 -38.29 -5.22
C ARG C 185 15.62 -37.83 -5.63
N VAL C 186 15.35 -36.54 -5.40
CA VAL C 186 14.06 -35.94 -5.69
C VAL C 186 13.84 -35.75 -7.19
N GLU C 187 14.90 -35.35 -7.90
CA GLU C 187 14.88 -35.22 -9.36
C GLU C 187 14.56 -36.53 -10.05
N ALA C 188 15.14 -37.60 -9.51
CA ALA C 188 14.94 -38.96 -10.00
C ALA C 188 13.50 -39.45 -9.83
N LEU C 189 12.89 -39.09 -8.70
CA LEU C 189 11.49 -39.42 -8.43
C LEU C 189 10.51 -38.75 -9.39
N GLN C 190 10.81 -37.51 -9.75
CA GLN C 190 9.94 -36.70 -10.60
C GLN C 190 9.96 -37.10 -12.07
N GLN C 191 11.11 -37.55 -12.55
CA GLN C 191 11.32 -37.79 -14.00
C GLN C 191 10.33 -38.78 -14.66
N PRO C 192 9.93 -39.85 -13.95
CA PRO C 192 8.86 -40.74 -14.42
C PRO C 192 7.53 -40.05 -14.74
N TYR C 193 7.18 -39.06 -13.93
CA TYR C 193 5.95 -38.27 -14.13
C TYR C 193 6.02 -37.32 -15.30
N VAL C 194 7.20 -36.77 -15.55
CA VAL C 194 7.42 -35.93 -16.72
C VAL C 194 7.32 -36.76 -17.99
N GLU C 195 8.00 -37.92 -17.99
CA GLU C 195 7.99 -38.84 -19.13
C GLU C 195 6.58 -39.34 -19.46
N ALA C 196 5.79 -39.61 -18.41
CA ALA C 196 4.39 -40.00 -18.57
C ALA C 196 3.53 -38.88 -19.15
N LEU C 197 3.71 -37.67 -18.62
CA LEU C 197 2.97 -36.52 -19.09
C LEU C 197 3.32 -36.15 -20.54
N LEU C 198 4.60 -36.25 -20.89
CA LEU C 198 5.06 -36.04 -22.27
C LEU C 198 4.38 -37.01 -23.25
N SER C 199 4.36 -38.29 -22.87
CA SER C 199 3.74 -39.33 -23.70
C SER C 199 2.22 -39.19 -23.77
N TYR C 200 1.59 -38.82 -22.66
CA TYR C 200 0.14 -38.60 -22.60
C TYR C 200 -0.31 -37.43 -23.50
N THR C 201 0.43 -36.34 -23.48
CA THR C 201 0.15 -35.18 -24.33
C THR C 201 0.37 -35.45 -25.81
N ARG C 202 1.40 -36.24 -26.14
CA ARG C 202 1.68 -36.62 -27.52
C ARG C 202 0.55 -37.45 -28.16
N ILE C 203 -0.08 -38.31 -27.35
CA ILE C 203 -1.23 -39.11 -27.79
C ILE C 203 -2.49 -38.26 -27.93
N LYS C 204 -2.74 -37.39 -26.95
CA LYS C 204 -3.92 -36.54 -26.95
C LYS C 204 -3.93 -35.50 -28.08
N ARG C 205 -2.77 -34.90 -28.34
CA ARG C 205 -2.62 -33.93 -29.43
C ARG C 205 -1.32 -34.15 -30.20
N PRO C 206 -1.31 -35.11 -31.15
CA PRO C 206 -0.11 -35.36 -31.96
C PRO C 206 0.34 -34.16 -32.81
N GLN C 207 -0.62 -33.38 -33.30
CA GLN C 207 -0.33 -32.21 -34.13
C GLN C 207 0.30 -31.07 -33.33
N ASP C 208 -0.29 -30.75 -32.18
CA ASP C 208 0.20 -29.66 -31.32
C ASP C 208 1.36 -30.11 -30.43
N GLN C 209 2.57 -29.93 -30.94
CA GLN C 209 3.78 -30.36 -30.24
C GLN C 209 4.14 -29.47 -29.04
N LEU C 210 3.72 -28.22 -29.07
CA LEU C 210 4.11 -27.24 -28.05
C LEU C 210 3.12 -27.07 -26.88
N ARG C 211 2.05 -27.85 -26.86
CA ARG C 211 1.09 -27.77 -25.75
C ARG C 211 1.68 -28.26 -24.44
N PHE C 212 2.53 -29.27 -24.54
CA PHE C 212 3.21 -29.80 -23.38
C PHE C 212 4.13 -28.77 -22.71
N PRO C 213 5.00 -28.11 -23.49
CA PRO C 213 5.78 -26.98 -22.98
C PRO C 213 4.93 -25.86 -22.40
N ARG C 214 3.83 -25.53 -23.08
CA ARG C 214 2.86 -24.56 -22.57
C ARG C 214 2.36 -24.91 -21.16
N MET C 215 2.08 -26.19 -20.94
CA MET C 215 1.69 -26.66 -19.61
C MET C 215 2.79 -26.47 -18.59
N LEU C 216 4.03 -26.76 -18.98
CA LEU C 216 5.17 -26.59 -18.08
C LEU C 216 5.46 -25.13 -17.76
N MET C 217 5.21 -24.25 -18.72
CA MET C 217 5.44 -22.82 -18.52
C MET C 217 4.48 -22.25 -17.46
N LYS C 218 3.37 -22.93 -17.27
CA LYS C 218 2.45 -22.69 -16.15
C LYS C 218 3.00 -23.03 -14.77
N LEU C 219 3.88 -24.02 -14.69
CA LEU C 219 4.57 -24.33 -13.43
C LEU C 219 5.39 -23.14 -12.94
N VAL C 220 5.86 -22.37 -13.91
CA VAL C 220 6.62 -21.15 -13.66
C VAL C 220 5.73 -20.09 -13.03
N SER C 221 4.51 -19.94 -13.55
CA SER C 221 3.53 -19.01 -12.98
C SER C 221 3.17 -19.31 -11.51
N LEU C 222 3.15 -20.61 -11.17
CA LEU C 222 2.84 -21.05 -9.80
C LEU C 222 3.78 -20.52 -8.73
N ARG C 223 5.05 -20.34 -9.07
CA ARG C 223 6.05 -19.82 -8.15
C ARG C 223 5.85 -18.37 -7.81
N THR C 224 5.56 -17.58 -8.83
CA THR C 224 5.23 -16.17 -8.64
C THR C 224 4.06 -16.03 -7.67
N LEU C 225 2.99 -16.80 -7.91
CA LEU C 225 1.86 -16.88 -6.99
C LEU C 225 2.24 -17.38 -5.61
N SER C 226 3.18 -18.33 -5.56
CA SER C 226 3.73 -18.83 -4.30
C SER C 226 4.48 -17.75 -3.52
N SER C 227 5.24 -16.91 -4.23
CA SER C 227 5.96 -15.79 -3.60
C SER C 227 5.02 -14.64 -3.22
N VAL C 228 4.06 -14.35 -4.10
CA VAL C 228 3.00 -13.37 -3.83
C VAL C 228 2.16 -13.78 -2.59
N HIS C 229 1.93 -15.08 -2.44
CA HIS C 229 1.20 -15.63 -1.29
C HIS C 229 1.91 -15.37 0.04
N SER C 230 3.24 -15.50 0.05
CA SER C 230 4.05 -15.19 1.24
C SER C 230 3.96 -13.72 1.66
N GLU C 231 3.76 -12.83 0.69
CA GLU C 231 3.50 -11.42 0.96
C GLU C 231 2.09 -11.21 1.51
N GLN C 232 1.10 -11.91 0.92
CA GLN C 232 -0.28 -11.79 1.37
C GLN C 232 -0.41 -12.28 2.81
N VAL C 233 0.00 -13.52 3.07
CA VAL C 233 -0.10 -14.09 4.44
C VAL C 233 0.49 -13.18 5.49
N PHE C 234 1.61 -12.57 5.15
CA PHE C 234 2.35 -11.72 6.06
C PHE C 234 1.47 -10.53 6.39
N ALA C 235 0.91 -9.90 5.35
CA ALA C 235 0.10 -8.68 5.50
C ALA C 235 -1.06 -8.81 6.47
N LEU C 236 -1.63 -10.01 6.55
CA LEU C 236 -2.79 -10.28 7.43
C LEU C 236 -2.37 -10.46 8.88
N ARG C 237 -1.12 -10.86 9.08
CA ARG C 237 -0.51 -10.87 10.42
C ARG C 237 -0.57 -9.49 11.04
N LEU C 238 -0.38 -8.46 10.19
CA LEU C 238 -0.51 -7.07 10.58
C LEU C 238 -1.95 -6.65 10.88
N GLN C 239 -2.91 -7.23 10.17
CA GLN C 239 -4.34 -6.93 10.36
C GLN C 239 -5.01 -7.69 11.51
N ASP C 240 -4.20 -8.30 12.39
CA ASP C 240 -4.68 -9.03 13.58
C ASP C 240 -5.29 -10.37 13.18
N LYS C 241 -4.68 -11.02 12.20
CA LYS C 241 -5.21 -12.22 11.61
C LYS C 241 -4.09 -13.26 11.50
N LYS C 242 -3.86 -13.97 12.60
CA LYS C 242 -2.73 -14.91 12.72
C LYS C 242 -3.16 -16.31 12.32
N LEU C 243 -2.24 -17.05 11.69
CA LEU C 243 -2.56 -18.36 11.14
C LEU C 243 -2.69 -19.45 12.24
N PRO C 244 -3.58 -20.44 12.04
CA PRO C 244 -3.75 -21.61 12.92
C PRO C 244 -2.50 -22.50 13.06
N PRO C 245 -2.52 -23.48 13.99
CA PRO C 245 -1.31 -24.26 14.25
C PRO C 245 -0.73 -24.98 13.03
N LEU C 246 -1.58 -25.64 12.25
CA LEU C 246 -1.13 -26.41 11.07
C LEU C 246 -0.65 -25.50 9.93
N LEU C 247 -1.41 -24.46 9.65
CA LEU C 247 -1.09 -23.53 8.54
C LEU C 247 0.11 -22.65 8.83
N SER C 248 0.32 -22.29 10.10
CA SER C 248 1.49 -21.53 10.52
C SER C 248 2.79 -22.29 10.34
N GLU C 249 2.75 -23.61 10.50
CA GLU C 249 3.94 -24.47 10.34
C GLU C 249 4.55 -24.34 8.96
N ILE C 250 3.69 -24.38 7.94
CA ILE C 250 4.15 -24.42 6.54
C ILE C 250 4.13 -23.09 5.77
N TRP C 251 3.39 -22.09 6.27
CA TRP C 251 3.32 -20.78 5.57
C TRP C 251 4.00 -19.61 6.27
N ASP C 252 3.90 -19.52 7.60
CA ASP C 252 4.52 -18.42 8.34
C ASP C 252 6.05 -18.54 8.39
N VAL C 253 6.71 -17.39 8.30
CA VAL C 253 8.18 -17.32 8.35
C VAL C 253 8.68 -17.48 9.78
N SER C 261 9.95 -25.77 14.42
CA SER C 261 9.39 -27.11 14.62
C SER C 261 8.12 -27.31 13.80
N HIS C 262 7.83 -28.59 13.50
CA HIS C 262 6.66 -28.98 12.70
C HIS C 262 5.91 -30.10 13.41
N LYS C 263 5.55 -29.84 14.66
CA LYS C 263 4.94 -30.84 15.53
C LYS C 263 3.68 -31.45 14.93
N ILE C 264 2.79 -30.60 14.43
CA ILE C 264 1.56 -31.10 13.80
C ILE C 264 1.89 -31.84 12.51
N LEU C 265 2.79 -31.26 11.72
CA LEU C 265 3.12 -31.81 10.40
C LEU C 265 3.74 -33.22 10.47
N HIS C 266 4.62 -33.45 11.45
CA HIS C 266 5.20 -34.78 11.68
C HIS C 266 4.14 -35.81 12.01
N ARG C 267 3.20 -35.40 12.85
CA ARG C 267 2.12 -36.27 13.32
C ARG C 267 1.23 -36.76 12.18
N LEU C 268 0.93 -35.86 11.25
CA LEU C 268 0.14 -36.21 10.06
C LEU C 268 0.83 -37.18 9.14
N LEU C 269 2.12 -36.95 8.97
CA LEU C 269 2.95 -37.82 8.18
C LEU C 269 3.18 -39.18 8.83
N GLN C 270 3.35 -39.19 10.15
CA GLN C 270 3.56 -40.43 10.92
C GLN C 270 2.22 -41.06 11.32
N ASP C 271 1.73 -41.96 10.48
CA ASP C 271 0.42 -42.61 10.70
C ASP C 271 0.30 -43.89 9.88
N THR D 15 -15.03 44.85 27.69
CA THR D 15 -15.58 46.03 26.95
C THR D 15 -17.10 46.10 27.04
N ALA D 16 -17.64 47.25 26.68
CA ALA D 16 -19.10 47.46 26.66
C ALA D 16 -19.77 46.69 25.51
N ALA D 17 -19.18 46.76 24.33
CA ALA D 17 -19.64 46.00 23.16
C ALA D 17 -19.42 44.50 23.33
N GLN D 18 -18.28 44.14 23.92
CA GLN D 18 -17.97 42.76 24.21
C GLN D 18 -19.00 42.18 25.16
N GLU D 19 -19.27 42.83 26.29
CA GLU D 19 -20.25 42.31 27.27
C GLU D 19 -21.65 42.11 26.69
N LEU D 20 -22.08 43.03 25.83
CA LEU D 20 -23.41 43.00 25.20
C LEU D 20 -23.60 41.89 24.16
N MET D 21 -22.65 41.78 23.23
CA MET D 21 -22.72 40.77 22.16
C MET D 21 -22.75 39.33 22.66
N ILE D 22 -21.83 39.02 23.56
CA ILE D 22 -21.66 37.65 24.09
C ILE D 22 -22.74 37.28 25.13
N GLN D 23 -23.22 38.28 25.87
CA GLN D 23 -24.28 38.06 26.86
C GLN D 23 -25.54 37.60 26.12
N GLN D 24 -25.83 38.28 25.01
CA GLN D 24 -26.92 37.89 24.10
C GLN D 24 -26.69 36.48 23.55
N LEU D 25 -25.44 36.20 23.20
CA LEU D 25 -25.05 34.93 22.57
C LEU D 25 -25.29 33.76 23.49
N VAL D 26 -25.04 33.98 24.78
CA VAL D 26 -25.38 32.98 25.79
C VAL D 26 -26.87 32.71 25.72
N ALA D 27 -27.65 33.79 25.65
CA ALA D 27 -29.11 33.70 25.64
C ALA D 27 -29.63 32.88 24.47
N ALA D 28 -29.04 33.07 23.29
CA ALA D 28 -29.42 32.29 22.10
C ALA D 28 -29.17 30.80 22.32
N GLN D 29 -28.00 30.49 22.88
CA GLN D 29 -27.61 29.12 23.23
C GLN D 29 -28.54 28.47 24.25
N LEU D 30 -28.97 29.24 25.25
CA LEU D 30 -29.86 28.74 26.31
C LEU D 30 -31.23 28.27 25.81
N GLN D 31 -31.66 28.77 24.65
CA GLN D 31 -32.96 28.41 24.04
C GLN D 31 -32.88 27.28 22.99
N CYS D 32 -31.79 26.51 23.01
CA CYS D 32 -31.49 25.51 21.96
C CYS D 32 -31.70 24.06 22.35
N ASN D 33 -32.02 23.77 23.60
CA ASN D 33 -32.18 22.39 24.05
C ASN D 33 -33.37 22.26 24.99
N LYS D 34 -34.53 22.56 24.43
CA LYS D 34 -35.79 22.59 25.17
C LYS D 34 -36.59 21.29 25.06
N ARG D 35 -36.52 20.60 23.94
CA ARG D 35 -37.31 19.39 23.78
C ARG D 35 -36.87 18.28 24.69
N SER D 36 -37.84 17.52 25.17
CA SER D 36 -37.61 16.42 26.11
C SER D 36 -38.34 15.18 25.67
N PHE D 37 -38.03 14.06 26.30
CA PHE D 37 -38.72 12.83 25.99
C PHE D 37 -40.20 13.12 26.12
N SER D 38 -40.57 13.74 27.23
CA SER D 38 -41.97 14.07 27.52
C SER D 38 -42.62 15.29 26.83
N ASP D 39 -41.84 16.23 26.34
CA ASP D 39 -42.42 17.42 25.72
C ASP D 39 -43.31 17.18 24.50
N LYS D 42 -44.17 13.00 20.46
CA LYS D 42 -43.00 12.13 20.39
C LYS D 42 -42.47 11.76 19.01
N VAL D 43 -41.21 11.33 19.00
CA VAL D 43 -40.50 10.85 17.83
C VAL D 43 -40.44 9.35 17.78
N THR D 44 -40.20 8.80 16.60
CA THR D 44 -40.21 7.37 16.45
C THR D 44 -39.40 6.92 17.60
N PRO D 45 -39.89 5.93 18.31
CA PRO D 45 -39.26 5.49 19.55
C PRO D 45 -38.01 4.63 19.36
N TRP D 46 -37.23 4.52 20.43
CA TRP D 46 -36.16 3.55 20.53
C TRP D 46 -36.80 2.19 20.85
N PRO D 47 -36.22 1.08 20.36
CA PRO D 47 -36.72 -0.24 20.77
C PRO D 47 -35.90 -0.88 21.89
N ALA D 50 -37.22 -5.68 21.12
CA ALA D 50 -35.96 -4.98 21.40
C ALA D 50 -34.74 -5.87 21.12
N ASP D 51 -34.71 -6.48 19.94
CA ASP D 51 -33.62 -7.36 19.53
C ASP D 51 -32.43 -6.52 19.03
N PRO D 52 -31.24 -6.68 19.65
CA PRO D 52 -30.07 -5.88 19.23
C PRO D 52 -29.50 -6.19 17.85
N ALA D 53 -29.37 -7.48 17.52
CA ALA D 53 -28.83 -7.92 16.22
C ALA D 53 -29.78 -7.70 15.03
N SER D 54 -31.03 -7.34 15.32
CA SER D 54 -32.06 -7.10 14.31
C SER D 54 -31.71 -5.91 13.41
N GLY D 55 -31.75 -6.15 12.11
CA GLY D 55 -31.62 -5.08 11.10
C GLY D 55 -32.88 -4.23 11.00
N SER D 56 -34.03 -4.81 11.33
CA SER D 56 -35.30 -4.08 11.38
C SER D 56 -35.32 -3.08 12.53
N ALA D 57 -34.74 -3.45 13.66
CA ALA D 57 -34.57 -2.55 14.80
C ALA D 57 -33.57 -1.44 14.47
N SER D 58 -32.51 -1.78 13.75
CA SER D 58 -31.51 -0.79 13.31
C SER D 58 -32.10 0.28 12.38
N GLN D 59 -32.95 -0.16 11.45
CA GLN D 59 -33.70 0.76 10.58
C GLN D 59 -34.56 1.72 11.41
N GLN D 60 -35.12 1.22 12.50
CA GLN D 60 -35.92 2.05 13.42
C GLN D 60 -35.07 3.00 14.28
N ARG D 61 -33.89 2.57 14.74
CA ARG D 61 -32.97 3.47 15.46
C ARG D 61 -32.37 4.53 14.54
N PHE D 62 -32.17 4.18 13.27
CA PHE D 62 -31.77 5.16 12.25
C PHE D 62 -32.85 6.22 12.07
N ALA D 63 -34.11 5.79 12.04
CA ALA D 63 -35.25 6.72 11.96
C ALA D 63 -35.35 7.61 13.21
N HIS D 64 -35.01 7.05 14.36
CA HIS D 64 -35.05 7.78 15.64
C HIS D 64 -34.01 8.90 15.70
N PHE D 65 -32.78 8.61 15.28
CA PHE D 65 -31.71 9.61 15.27
C PHE D 65 -31.95 10.71 14.24
N THR D 66 -32.40 10.33 13.05
CA THR D 66 -32.69 11.30 11.98
C THR D 66 -33.84 12.22 12.33
N GLU D 67 -34.86 11.70 13.01
CA GLU D 67 -35.96 12.51 13.51
C GLU D 67 -35.43 13.59 14.44
N LEU D 68 -34.60 13.16 15.40
CA LEU D 68 -33.97 14.06 16.37
C LEU D 68 -33.01 15.11 15.80
N ALA D 69 -32.25 14.73 14.77
CA ALA D 69 -31.32 15.66 14.12
C ALA D 69 -32.06 16.82 13.46
N ILE D 70 -33.17 16.51 12.80
CA ILE D 70 -34.02 17.55 12.20
C ILE D 70 -34.44 18.58 13.24
N ILE D 71 -34.82 18.10 14.42
CA ILE D 71 -35.21 18.98 15.52
C ILE D 71 -34.03 19.91 15.83
N SER D 72 -32.84 19.32 15.84
CA SER D 72 -31.61 20.05 16.12
C SER D 72 -31.25 21.07 15.04
N VAL D 73 -31.43 20.70 13.77
CA VAL D 73 -31.01 21.58 12.67
C VAL D 73 -31.80 22.86 12.64
N GLN D 74 -33.13 22.74 12.72
CA GLN D 74 -34.00 23.91 12.79
C GLN D 74 -33.59 24.81 13.93
N GLU D 75 -33.33 24.19 15.08
CA GLU D 75 -32.85 24.90 16.27
C GLU D 75 -31.52 25.60 16.04
N ILE D 76 -30.60 24.92 15.36
CA ILE D 76 -29.31 25.51 14.98
C ILE D 76 -29.51 26.72 14.07
N VAL D 77 -30.34 26.56 13.05
CA VAL D 77 -30.63 27.67 12.13
C VAL D 77 -31.25 28.85 12.87
N ASP D 78 -32.21 28.56 13.76
CA ASP D 78 -32.86 29.63 14.54
C ASP D 78 -31.81 30.40 15.34
N PHE D 79 -30.84 29.66 15.85
CA PHE D 79 -29.71 30.24 16.57
C PHE D 79 -28.83 31.13 15.68
N ALA D 80 -28.53 30.66 14.48
CA ALA D 80 -27.63 31.36 13.56
C ALA D 80 -28.08 32.78 13.23
N LYS D 81 -29.39 32.97 13.09
CA LYS D 81 -29.98 34.29 12.87
C LYS D 81 -29.76 35.21 14.05
N GLN D 82 -29.86 34.65 15.25
CA GLN D 82 -29.63 35.41 16.48
C GLN D 82 -28.17 35.83 16.67
N VAL D 83 -27.27 35.31 15.83
CA VAL D 83 -25.87 35.70 15.86
C VAL D 83 -25.62 36.92 14.96
N PRO D 84 -25.03 37.99 15.52
CA PRO D 84 -24.77 39.23 14.78
C PRO D 84 -23.86 39.07 13.59
N GLY D 85 -24.30 39.61 12.45
CA GLY D 85 -23.52 39.60 11.22
C GLY D 85 -23.90 38.52 10.23
N PHE D 86 -24.63 37.49 10.69
CA PHE D 86 -24.98 36.36 9.84
C PHE D 86 -25.96 36.72 8.72
N LEU D 87 -26.97 37.51 9.07
CA LEU D 87 -28.00 37.93 8.12
C LEU D 87 -27.56 39.01 7.16
N GLN D 88 -26.49 39.71 7.52
CA GLN D 88 -25.82 40.62 6.60
C GLN D 88 -25.28 39.91 5.37
N LEU D 89 -24.91 38.64 5.52
CA LEU D 89 -24.36 37.89 4.41
C LEU D 89 -25.35 37.63 3.30
N GLY D 90 -24.80 37.47 2.09
CA GLY D 90 -25.57 37.00 0.95
C GLY D 90 -26.09 35.63 1.31
N ARG D 91 -27.28 35.31 0.84
CA ARG D 91 -27.95 34.10 1.27
C ARG D 91 -27.25 32.81 0.86
N GLU D 92 -26.63 32.81 -0.31
CA GLU D 92 -25.87 31.67 -0.80
C GLU D 92 -24.78 31.23 0.19
N ASP D 93 -24.17 32.19 0.89
CA ASP D 93 -23.18 31.91 1.94
C ASP D 93 -23.79 31.55 3.29
N GLN D 94 -24.96 32.09 3.63
CA GLN D 94 -25.69 31.68 4.84
C GLN D 94 -25.96 30.18 4.83
N ILE D 95 -26.36 29.65 3.67
CA ILE D 95 -26.56 28.23 3.49
C ILE D 95 -25.23 27.47 3.54
N ALA D 96 -24.22 27.97 2.84
CA ALA D 96 -22.90 27.32 2.77
C ALA D 96 -22.25 27.16 4.16
N LEU D 97 -22.32 28.21 4.98
CA LEU D 97 -21.73 28.17 6.33
C LEU D 97 -22.46 27.20 7.26
N LEU D 98 -23.79 27.21 7.22
CA LEU D 98 -24.58 26.28 8.02
C LEU D 98 -24.45 24.83 7.56
N LYS D 99 -24.41 24.63 6.24
CA LYS D 99 -24.28 23.29 5.66
C LYS D 99 -23.09 22.52 6.23
N ALA D 100 -21.97 23.20 6.41
CA ALA D 100 -20.75 22.60 6.94
C ALA D 100 -20.66 22.59 8.47
N SER D 101 -21.12 23.67 9.10
CA SER D 101 -20.99 23.82 10.56
C SER D 101 -22.07 23.09 11.36
N THR D 102 -23.12 22.59 10.73
CA THR D 102 -24.22 21.95 11.46
C THR D 102 -23.72 20.78 12.30
N ILE D 103 -23.00 19.85 11.67
CA ILE D 103 -22.45 18.72 12.39
C ILE D 103 -21.45 19.16 13.47
N GLU D 104 -20.65 20.16 13.15
CA GLU D 104 -19.60 20.65 14.05
C GLU D 104 -20.18 21.30 15.30
N ILE D 105 -21.27 22.04 15.12
CA ILE D 105 -22.05 22.56 16.24
C ILE D 105 -22.69 21.41 17.01
N MET D 106 -23.29 20.48 16.27
CA MET D 106 -23.94 19.31 16.85
C MET D 106 -23.02 18.50 17.74
N LEU D 107 -21.83 18.22 17.24
CA LEU D 107 -20.83 17.50 18.01
C LEU D 107 -20.35 18.26 19.23
N LEU D 108 -20.20 19.58 19.08
CA LEU D 108 -19.85 20.44 20.21
C LEU D 108 -20.85 20.35 21.36
N GLU D 109 -22.12 20.34 21.02
CA GLU D 109 -23.18 20.26 22.04
C GLU D 109 -23.24 18.89 22.69
N THR D 110 -23.06 17.82 21.92
CA THR D 110 -23.03 16.46 22.49
C THR D 110 -21.86 16.34 23.45
N ALA D 111 -20.74 16.93 23.06
CA ALA D 111 -19.52 16.96 23.89
C ALA D 111 -19.69 17.77 25.16
N ARG D 112 -20.57 18.77 25.11
CA ARG D 112 -20.83 19.62 26.26
C ARG D 112 -21.43 18.88 27.45
N ARG D 113 -22.46 18.08 27.19
CA ARG D 113 -23.14 17.30 28.24
C ARG D 113 -22.68 15.87 28.43
N TYR D 114 -21.68 15.45 27.67
CA TYR D 114 -21.15 14.11 27.83
C TYR D 114 -20.83 13.90 29.30
N ASN D 115 -21.46 12.88 29.88
CA ASN D 115 -21.25 12.54 31.27
C ASN D 115 -20.21 11.44 31.30
N HIS D 116 -19.11 11.72 31.98
CA HIS D 116 -17.97 10.81 32.06
C HIS D 116 -18.18 9.62 33.00
N GLU D 117 -18.92 9.82 34.09
CA GLU D 117 -19.16 8.74 35.06
C GLU D 117 -19.92 7.57 34.44
N THR D 118 -20.98 7.90 33.70
CA THR D 118 -21.83 6.89 33.06
C THR D 118 -21.33 6.56 31.65
N GLU D 119 -20.52 7.45 31.07
CA GLU D 119 -19.98 7.32 29.71
C GLU D 119 -21.10 7.33 28.66
N CYS D 120 -22.08 8.22 28.90
CA CYS D 120 -23.25 8.37 28.03
C CYS D 120 -23.28 9.79 27.49
N ILE D 121 -23.93 9.95 26.34
CA ILE D 121 -24.10 11.24 25.70
C ILE D 121 -25.55 11.65 25.82
N THR D 122 -25.77 12.92 26.11
CA THR D 122 -27.10 13.50 26.07
C THR D 122 -27.20 14.34 24.81
N PHE D 123 -28.23 14.07 24.01
CA PHE D 123 -28.55 14.85 22.83
C PHE D 123 -29.89 15.50 23.12
N LEU D 124 -29.89 16.83 23.22
CA LEU D 124 -31.08 17.59 23.62
C LEU D 124 -31.40 17.32 25.08
N LYS D 125 -32.50 17.87 25.59
CA LYS D 125 -32.74 17.90 27.03
C LYS D 125 -32.70 16.54 27.75
N ASP D 126 -33.42 15.57 27.21
CA ASP D 126 -33.62 14.27 27.91
C ASP D 126 -33.03 13.04 27.26
N PHE D 127 -32.92 13.04 25.93
CA PHE D 127 -32.54 11.85 25.19
C PHE D 127 -31.07 11.58 25.46
N THR D 128 -30.78 10.38 25.93
CA THR D 128 -29.43 10.00 26.33
C THR D 128 -29.07 8.66 25.73
N TYR D 129 -27.81 8.53 25.30
CA TYR D 129 -27.38 7.37 24.52
C TYR D 129 -25.94 6.99 24.85
N SER D 130 -25.67 5.70 24.69
CA SER D 130 -24.37 5.11 25.00
C SER D 130 -23.66 4.70 23.72
N LYS D 131 -22.36 4.43 23.83
CA LYS D 131 -21.55 3.98 22.70
C LYS D 131 -22.02 2.62 22.16
N ASP D 132 -22.54 1.79 23.06
CA ASP D 132 -23.19 0.52 22.71
C ASP D 132 -24.43 0.73 21.85
N ASP D 133 -25.26 1.69 22.25
CA ASP D 133 -26.52 2.00 21.56
C ASP D 133 -26.32 2.51 20.14
N PHE D 134 -25.28 3.32 19.92
CA PHE D 134 -24.92 3.77 18.56
C PHE D 134 -24.45 2.59 17.69
N HIS D 135 -23.73 1.65 18.30
CA HIS D 135 -23.22 0.47 17.60
C HIS D 135 -24.34 -0.44 17.09
N ARG D 136 -25.45 -0.51 17.82
CA ARG D 136 -26.60 -1.33 17.41
C ARG D 136 -27.29 -0.70 16.20
N ALA D 137 -27.37 0.63 16.16
CA ALA D 137 -27.95 1.35 15.00
C ALA D 137 -27.23 1.12 13.67
N GLY D 138 -26.05 0.52 13.73
CA GLY D 138 -25.29 0.13 12.54
C GLY D 138 -24.27 1.19 12.18
N LEU D 139 -23.62 1.73 13.21
CA LEU D 139 -22.66 2.81 13.07
C LEU D 139 -21.26 2.29 13.31
N GLN D 140 -20.35 2.64 12.43
CA GLN D 140 -18.98 2.15 12.49
C GLN D 140 -18.20 2.75 13.65
N VAL D 141 -17.24 1.96 14.12
CA VAL D 141 -16.45 2.25 15.31
C VAL D 141 -15.47 3.40 15.08
N GLU D 142 -15.09 3.59 13.81
CA GLU D 142 -14.19 4.66 13.41
C GLU D 142 -14.85 6.02 13.58
N PHE D 143 -16.17 6.06 13.38
CA PHE D 143 -16.95 7.26 13.61
C PHE D 143 -17.16 7.54 15.10
N ILE D 144 -17.63 6.53 15.82
CA ILE D 144 -18.02 6.67 17.22
C ILE D 144 -16.87 6.98 18.18
N ASN D 145 -15.79 6.22 18.09
CA ASN D 145 -14.69 6.34 19.05
C ASN D 145 -14.14 7.77 19.13
N PRO D 146 -13.89 8.41 17.97
CA PRO D 146 -13.49 9.82 17.93
C PRO D 146 -14.45 10.80 18.56
N ILE D 147 -15.74 10.60 18.31
CA ILE D 147 -16.77 11.43 18.94
C ILE D 147 -16.59 11.42 20.45
N PHE D 148 -16.45 10.21 20.99
CA PHE D 148 -16.30 10.03 22.42
C PHE D 148 -14.98 10.56 22.98
N GLU D 149 -13.89 10.32 22.27
CA GLU D 149 -12.59 10.91 22.63
C GLU D 149 -12.65 12.43 22.63
N PHE D 150 -13.33 12.99 21.64
CA PHE D 150 -13.54 14.43 21.54
C PHE D 150 -14.35 14.97 22.71
N SER D 151 -15.44 14.28 23.02
CA SER D 151 -16.33 14.67 24.10
C SER D 151 -15.68 14.58 25.48
N ARG D 152 -14.86 13.55 25.68
CA ARG D 152 -14.08 13.40 26.91
C ARG D 152 -12.97 14.46 27.00
N ALA D 153 -12.34 14.75 25.87
CA ALA D 153 -11.25 15.73 25.81
C ALA D 153 -11.72 17.17 26.01
N MET D 154 -12.91 17.50 25.53
CA MET D 154 -13.54 18.81 25.75
C MET D 154 -13.87 19.08 27.21
N ARG D 155 -14.06 18.02 27.98
CA ARG D 155 -14.28 18.12 29.41
C ARG D 155 -13.06 18.69 30.15
N ARG D 156 -11.87 18.19 29.81
CA ARG D 156 -10.62 18.59 30.47
C ARG D 156 -10.45 20.10 30.43
N LEU D 157 -10.84 20.68 29.30
CA LEU D 157 -10.86 22.13 29.11
C LEU D 157 -11.72 22.83 30.14
N GLY D 158 -12.94 22.32 30.31
CA GLY D 158 -13.88 22.85 31.28
C GLY D 158 -14.43 24.19 30.82
N LEU D 159 -15.02 24.23 29.63
CA LEU D 159 -15.58 25.45 29.08
C LEU D 159 -16.91 25.77 29.75
N ASP D 160 -17.11 27.06 29.99
CA ASP D 160 -18.34 27.55 30.54
C ASP D 160 -19.26 27.92 29.37
N ASP D 161 -20.46 28.42 29.70
CA ASP D 161 -21.49 28.74 28.71
C ASP D 161 -21.07 29.79 27.67
N ALA D 162 -20.35 30.82 28.12
CA ALA D 162 -19.85 31.87 27.23
C ALA D 162 -18.82 31.34 26.23
N GLU D 163 -17.84 30.62 26.76
CA GLU D 163 -16.78 30.03 25.95
C GLU D 163 -17.28 29.12 24.84
N TYR D 164 -18.36 28.39 25.10
CA TYR D 164 -19.01 27.56 24.08
C TYR D 164 -19.67 28.40 22.99
N ALA D 165 -20.46 29.38 23.41
CA ALA D 165 -21.21 30.24 22.48
C ALA D 165 -20.31 30.98 21.50
N LEU D 166 -19.20 31.51 22.02
CA LEU D 166 -18.21 32.16 21.19
C LEU D 166 -17.59 31.18 20.23
N LEU D 167 -17.28 29.99 20.73
CA LEU D 167 -16.73 28.92 19.90
C LEU D 167 -17.60 28.59 18.71
N ILE D 168 -18.90 28.47 18.96
CA ILE D 168 -19.86 28.19 17.90
C ILE D 168 -19.85 29.30 16.86
N ALA D 169 -19.92 30.54 17.34
CA ALA D 169 -19.96 31.71 16.46
C ALA D 169 -18.74 31.76 15.56
N ILE D 170 -17.58 31.44 16.11
CA ILE D 170 -16.35 31.34 15.33
C ILE D 170 -16.50 30.24 14.28
N ASN D 171 -16.95 29.08 14.72
CA ASN D 171 -17.15 27.93 13.84
C ASN D 171 -18.08 28.22 12.67
N ILE D 172 -19.11 29.04 12.91
CA ILE D 172 -20.05 29.45 11.87
C ILE D 172 -19.32 30.29 10.81
N PHE D 173 -18.73 31.39 11.25
CA PHE D 173 -18.02 32.30 10.35
C PHE D 173 -16.63 31.76 10.01
N SER D 174 -16.59 30.79 9.09
CA SER D 174 -15.34 30.21 8.60
C SER D 174 -15.24 30.45 7.10
N ALA D 175 -14.22 31.20 6.70
CA ALA D 175 -14.06 31.61 5.30
C ALA D 175 -13.82 30.43 4.33
N ASP D 176 -13.23 29.34 4.84
CA ASP D 176 -12.76 28.23 3.98
C ASP D 176 -13.73 27.06 3.77
N ARG D 177 -15.01 27.29 4.04
CA ARG D 177 -16.02 26.24 3.83
C ARG D 177 -16.24 26.06 2.32
N PRO D 178 -16.69 24.87 1.91
CA PRO D 178 -16.92 24.66 0.48
C PRO D 178 -17.92 25.61 -0.15
N ASN D 179 -17.58 26.10 -1.34
CA ASN D 179 -18.44 26.96 -2.16
C ASN D 179 -18.83 28.29 -1.51
N VAL D 180 -17.91 28.90 -0.79
CA VAL D 180 -18.19 30.21 -0.19
C VAL D 180 -17.86 31.32 -1.19
N GLN D 181 -18.84 32.20 -1.38
CA GLN D 181 -18.78 33.29 -2.35
C GLN D 181 -18.02 34.54 -1.92
N GLU D 182 -18.17 34.92 -0.65
CA GLU D 182 -17.49 36.11 -0.08
C GLU D 182 -16.59 35.72 1.09
N PRO D 183 -15.50 34.98 0.80
CA PRO D 183 -14.55 34.53 1.82
C PRO D 183 -13.99 35.63 2.72
N GLY D 184 -13.61 36.75 2.11
CA GLY D 184 -13.05 37.88 2.84
C GLY D 184 -14.02 38.49 3.85
N ARG D 185 -15.28 38.55 3.46
CA ARG D 185 -16.34 39.12 4.30
C ARG D 185 -16.67 38.22 5.49
N VAL D 186 -16.58 36.91 5.26
CA VAL D 186 -16.88 35.92 6.31
C VAL D 186 -15.80 35.93 7.39
N GLU D 187 -14.54 35.92 6.95
CA GLU D 187 -13.41 36.04 7.86
C GLU D 187 -13.48 37.31 8.67
N ALA D 188 -13.85 38.40 8.02
CA ALA D 188 -14.04 39.69 8.66
C ALA D 188 -15.01 39.59 9.83
N LEU D 189 -16.13 38.93 9.57
CA LEU D 189 -17.17 38.70 10.58
C LEU D 189 -16.76 37.85 11.78
N GLN D 190 -15.87 36.90 11.54
CA GLN D 190 -15.35 36.00 12.57
C GLN D 190 -14.52 36.69 13.65
N GLN D 191 -13.76 37.71 13.24
CA GLN D 191 -12.66 38.25 14.06
C GLN D 191 -13.06 38.87 15.40
N PRO D 192 -14.17 39.64 15.43
CA PRO D 192 -14.76 40.10 16.69
C PRO D 192 -14.99 39.00 17.72
N TYR D 193 -15.45 37.85 17.24
CA TYR D 193 -15.69 36.68 18.07
C TYR D 193 -14.41 36.04 18.61
N VAL D 194 -13.35 36.09 17.80
CA VAL D 194 -12.03 35.60 18.22
C VAL D 194 -11.39 36.57 19.21
N GLU D 195 -11.52 37.87 18.96
CA GLU D 195 -11.00 38.91 19.86
C GLU D 195 -11.70 38.91 21.22
N ALA D 196 -13.03 38.77 21.20
CA ALA D 196 -13.82 38.68 22.43
C ALA D 196 -13.50 37.41 23.21
N LEU D 197 -13.36 36.29 22.49
CA LEU D 197 -12.97 35.03 23.11
C LEU D 197 -11.61 35.15 23.74
N LEU D 198 -10.67 35.74 23.01
CA LEU D 198 -9.33 35.94 23.51
C LEU D 198 -9.36 36.76 24.79
N SER D 199 -10.15 37.83 24.78
CA SER D 199 -10.25 38.71 25.93
C SER D 199 -10.84 37.94 27.12
N TYR D 200 -11.97 37.27 26.89
CA TYR D 200 -12.70 36.56 27.95
C TYR D 200 -11.82 35.61 28.76
N THR D 201 -10.99 34.83 28.06
CA THR D 201 -10.15 33.81 28.69
C THR D 201 -9.08 34.45 29.56
N ARG D 202 -8.49 35.52 29.04
CA ARG D 202 -7.46 36.28 29.76
C ARG D 202 -7.99 36.88 31.06
N ILE D 203 -9.21 37.42 31.02
CA ILE D 203 -9.89 37.93 32.22
C ILE D 203 -10.19 36.78 33.19
N LYS D 204 -10.87 35.75 32.69
CA LYS D 204 -11.30 34.62 33.51
C LYS D 204 -10.17 33.72 34.03
N ARG D 205 -9.18 33.45 33.19
CA ARG D 205 -8.08 32.53 33.53
C ARG D 205 -6.72 33.09 33.05
N PRO D 206 -6.14 34.03 33.83
CA PRO D 206 -4.83 34.61 33.50
C PRO D 206 -3.68 33.64 33.72
N GLN D 207 -3.82 32.77 34.72
CA GLN D 207 -2.83 31.75 35.04
C GLN D 207 -2.76 30.69 33.93
N ASP D 208 -3.94 30.24 33.49
CA ASP D 208 -4.06 29.32 32.36
C ASP D 208 -4.08 30.10 31.05
N GLN D 209 -2.89 30.45 30.57
CA GLN D 209 -2.72 31.19 29.32
C GLN D 209 -2.91 30.33 28.06
N LEU D 210 -2.77 29.02 28.22
CA LEU D 210 -2.85 28.06 27.10
C LEU D 210 -4.24 27.50 26.81
N ARG D 211 -5.26 27.98 27.52
CA ARG D 211 -6.64 27.53 27.28
C ARG D 211 -7.15 28.01 25.94
N PHE D 212 -7.00 29.30 25.67
CA PHE D 212 -7.51 29.92 24.45
C PHE D 212 -6.98 29.29 23.14
N PRO D 213 -5.65 29.07 23.04
CA PRO D 213 -5.11 28.26 21.95
C PRO D 213 -5.72 26.86 21.86
N ARG D 214 -5.86 26.21 23.01
CA ARG D 214 -6.43 24.85 23.08
C ARG D 214 -7.87 24.76 22.61
N MET D 215 -8.66 25.78 22.95
CA MET D 215 -10.05 25.87 22.51
C MET D 215 -10.13 25.96 20.99
N LEU D 216 -9.23 26.77 20.43
CA LEU D 216 -9.14 26.94 18.99
C LEU D 216 -8.68 25.71 18.23
N MET D 217 -7.87 24.88 18.87
CA MET D 217 -7.41 23.64 18.26
C MET D 217 -8.45 22.52 18.27
N LYS D 218 -9.50 22.71 19.06
CA LYS D 218 -10.69 21.87 18.98
C LYS D 218 -11.44 22.10 17.68
N LEU D 219 -11.34 23.31 17.14
CA LEU D 219 -11.89 23.62 15.83
C LEU D 219 -11.29 22.76 14.73
N VAL D 220 -10.02 22.44 14.87
CA VAL D 220 -9.33 21.58 13.90
C VAL D 220 -9.78 20.12 14.07
N SER D 221 -9.95 19.69 15.32
CA SER D 221 -10.45 18.34 15.64
C SER D 221 -11.81 18.09 14.99
N LEU D 222 -12.66 19.12 15.04
CA LEU D 222 -13.99 19.07 14.45
C LEU D 222 -14.02 18.90 12.93
N ARG D 223 -12.96 19.31 12.26
CA ARG D 223 -12.87 19.15 10.81
C ARG D 223 -12.70 17.71 10.37
N THR D 224 -11.89 16.93 11.08
CA THR D 224 -11.77 15.51 10.77
C THR D 224 -13.06 14.78 11.12
N LEU D 225 -13.71 15.23 12.19
CA LEU D 225 -15.00 14.65 12.59
C LEU D 225 -16.09 14.84 11.54
N SER D 226 -16.07 15.97 10.85
CA SER D 226 -16.99 16.23 9.74
C SER D 226 -16.69 15.32 8.56
N SER D 227 -15.40 15.07 8.33
CA SER D 227 -14.96 14.14 7.29
C SER D 227 -15.31 12.70 7.66
N VAL D 228 -14.99 12.32 8.89
CA VAL D 228 -15.35 11.00 9.44
C VAL D 228 -16.86 10.75 9.36
N HIS D 229 -17.63 11.79 9.66
CA HIS D 229 -19.09 11.80 9.53
C HIS D 229 -19.59 11.55 8.11
N SER D 230 -19.02 12.27 7.16
CA SER D 230 -19.36 12.12 5.74
C SER D 230 -19.19 10.68 5.27
N GLU D 231 -18.09 10.07 5.72
CA GLU D 231 -17.75 8.70 5.38
C GLU D 231 -18.71 7.76 6.07
N GLN D 232 -18.99 8.04 7.35
CA GLN D 232 -20.01 7.31 8.06
C GLN D 232 -21.28 7.34 7.25
N VAL D 233 -21.78 8.55 6.98
CA VAL D 233 -23.05 8.76 6.25
C VAL D 233 -23.15 7.94 4.97
N PHE D 234 -22.07 7.94 4.20
CA PHE D 234 -22.01 7.18 2.96
C PHE D 234 -22.11 5.66 3.18
N ALA D 235 -21.47 5.18 4.24
CA ALA D 235 -21.53 3.77 4.61
C ALA D 235 -22.94 3.30 5.02
N LEU D 236 -23.77 4.23 5.48
CA LEU D 236 -25.15 3.92 5.84
C LEU D 236 -26.01 3.72 4.60
N ARG D 237 -25.65 4.40 3.52
CA ARG D 237 -26.29 4.18 2.23
C ARG D 237 -26.10 2.74 1.74
N LEU D 238 -24.95 2.16 2.04
CA LEU D 238 -24.65 0.75 1.71
C LEU D 238 -25.48 -0.26 2.50
N GLN D 239 -26.03 0.17 3.64
CA GLN D 239 -26.95 -0.65 4.44
C GLN D 239 -28.44 -0.35 4.19
N ASP D 240 -28.74 0.35 3.10
CA ASP D 240 -30.11 0.74 2.74
C ASP D 240 -30.75 1.63 3.82
N LYS D 241 -29.95 2.53 4.38
CA LYS D 241 -30.41 3.59 5.25
C LYS D 241 -30.10 4.88 4.55
N LYS D 242 -31.16 5.57 4.14
CA LYS D 242 -31.05 6.76 3.32
C LYS D 242 -31.53 7.92 4.16
N LEU D 243 -30.79 9.02 4.08
CA LEU D 243 -31.01 10.18 4.94
C LEU D 243 -32.30 10.88 4.49
N PRO D 244 -33.06 11.44 5.45
CA PRO D 244 -34.24 12.23 5.10
C PRO D 244 -33.89 13.52 4.35
N PRO D 245 -34.91 14.22 3.84
CA PRO D 245 -34.70 15.33 2.90
C PRO D 245 -33.89 16.51 3.42
N LEU D 246 -34.14 16.92 4.66
CA LEU D 246 -33.37 18.01 5.26
C LEU D 246 -31.92 17.63 5.50
N LEU D 247 -31.72 16.44 6.05
CA LEU D 247 -30.39 15.93 6.36
C LEU D 247 -29.59 15.60 5.11
N SER D 248 -30.26 15.05 4.11
CA SER D 248 -29.63 14.78 2.81
C SER D 248 -29.14 16.07 2.15
N GLU D 249 -29.92 17.14 2.28
CA GLU D 249 -29.58 18.44 1.72
C GLU D 249 -28.22 18.95 2.23
N ILE D 250 -27.98 18.77 3.52
CA ILE D 250 -26.77 19.28 4.18
C ILE D 250 -25.60 18.29 4.27
N TRP D 251 -25.88 16.98 4.32
CA TRP D 251 -24.85 15.96 4.58
C TRP D 251 -24.50 15.03 3.43
N ASP D 252 -25.47 14.66 2.60
CA ASP D 252 -25.19 13.77 1.45
C ASP D 252 -24.38 14.48 0.35
N VAL D 253 -23.83 13.66 -0.55
CA VAL D 253 -23.03 14.11 -1.70
C VAL D 253 -21.74 14.79 -1.27
N HIS D 262 -31.46 23.25 -2.24
CA HIS D 262 -31.58 23.39 -0.79
C HIS D 262 -32.93 24.02 -0.46
N LYS D 263 -33.97 23.37 -0.96
CA LYS D 263 -35.34 23.87 -0.85
C LYS D 263 -35.76 24.05 0.59
N ILE D 264 -35.50 23.03 1.40
CA ILE D 264 -35.83 23.06 2.82
C ILE D 264 -35.07 24.20 3.49
N LEU D 265 -33.74 24.17 3.37
CA LEU D 265 -32.86 25.14 4.04
C LEU D 265 -33.16 26.61 3.78
N HIS D 266 -33.39 26.93 2.50
CA HIS D 266 -33.82 28.27 2.13
C HIS D 266 -35.10 28.66 2.85
N ARG D 267 -36.00 27.69 2.99
CA ARG D 267 -37.29 27.89 3.67
C ARG D 267 -37.17 28.23 5.16
N LEU D 268 -36.23 27.61 5.88
CA LEU D 268 -36.05 27.87 7.32
C LEU D 268 -35.44 29.24 7.54
N LEU D 269 -34.58 29.61 6.63
CA LEU D 269 -33.90 30.87 6.67
C LEU D 269 -34.86 32.00 6.42
N GLN D 270 -35.71 31.85 5.43
CA GLN D 270 -36.68 32.86 5.17
C GLN D 270 -37.62 33.02 6.35
N ASP D 271 -38.03 31.92 6.95
CA ASP D 271 -38.98 32.00 8.04
C ASP D 271 -39.72 33.30 7.95
C10 D43 E . 25.92 -10.91 -6.72
C13 D43 E . 25.37 -11.38 -9.04
C17 D43 E . 23.96 -8.21 -4.57
C20 D43 E . 24.43 -7.20 -5.61
C24 D43 E . 25.35 -13.39 -6.29
N11 D43 E . 24.50 -10.68 -6.96
C14 D43 E . 23.61 -10.02 -6.21
O15 D43 E . 22.46 -9.85 -6.53
O16 D43 E . 24.18 -9.59 -5.07
C18 D43 E . 22.47 -8.08 -4.29
C1 D43 E . 29.69 -12.92 -8.59
C2 D43 E . 30.55 -11.88 -8.88
C3 D43 E . 30.10 -10.57 -8.92
C4 D43 E . 28.75 -10.33 -8.68
C5 D43 E . 27.88 -11.38 -8.38
C6 D43 E . 28.34 -12.68 -8.35
N7 D43 E . 28.05 -9.13 -8.71
C8 D43 E . 26.74 -9.31 -8.44
C9 D43 E . 26.50 -10.79 -8.16
C12 D43 E . 24.15 -11.51 -8.13
C19 D43 E . 24.77 -8.10 -3.29
O21 D43 E . 25.90 -8.44 -8.40
C22 D43 E . 26.21 -12.19 -5.91
C23 D43 E . 26.14 -11.97 -4.42
C10 D43 F . 1.41 17.77 -5.72
C13 D43 F . 2.47 18.36 -3.67
C17 D43 F . -0.54 14.28 -6.53
C20 D43 F . 0.26 13.02 -6.28
C24 D43 F . -0.15 19.71 -5.04
N11 D43 F . 0.74 17.05 -4.63
C14 D43 F . 0.21 15.81 -4.75
O15 D43 F . -0.18 15.16 -3.81
O16 D43 F . 0.30 15.40 -6.02
C18 D43 F . -1.83 14.30 -5.73
C1 D43 F . 4.88 20.48 -7.10
C2 D43 F . 5.81 19.59 -7.60
C3 D43 F . 5.76 18.25 -7.28
C4 D43 F . 4.76 17.81 -6.42
C5 D43 F . 3.80 18.69 -5.92
C6 D43 F . 3.87 20.04 -6.25
N7 D43 F . 4.57 16.56 -5.88
C8 D43 F . 3.47 16.50 -5.09
C9 D43 F . 2.82 17.90 -5.11
C12 D43 F . 1.24 17.53 -3.32
C19 D43 F . -0.81 14.49 -8.01
O21 D43 F . 3.09 15.53 -4.47
C22 D43 F . 0.65 19.04 -6.16
C23 D43 F . -0.24 18.79 -7.36
C10 D43 G . -6.86 -18.73 0.44
C13 D43 G . -6.04 -20.87 -0.31
C17 D43 G . -5.14 -16.99 3.43
C20 D43 G . -4.28 -17.49 4.57
C24 D43 G . -6.72 -18.00 -2.04
N11 D43 G . -5.40 -18.72 0.45
C14 D43 G . -4.63 -18.46 1.53
O15 D43 G . -3.42 -18.54 1.54
O16 D43 G . -5.39 -18.18 2.59
C18 D43 G . -4.43 -15.89 2.62
C1 D43 G . -10.59 -21.04 -1.07
C2 D43 G . -11.19 -21.59 0.05
C3 D43 G . -10.48 -21.72 1.24
C4 D43 G . -9.18 -21.23 1.28
C5 D43 G . -8.57 -20.67 0.17
C6 D43 G . -9.29 -20.58 -1.02
N7 D43 G . -8.29 -21.24 2.35
C8 D43 G . -7.10 -20.69 2.02
C9 D43 G . -7.18 -20.24 0.55
C12 D43 G . -5.00 -19.76 -0.51
C19 D43 G . -6.51 -16.55 3.88
O21 D43 G . -6.14 -20.58 2.76
C22 D43 G . -7.49 -17.96 -0.73
C23 D43 G . -7.76 -16.54 -0.35
C10 D43 H . -25.96 11.27 15.23
C13 D43 H . -25.84 13.63 15.67
C17 D43 H . -26.62 9.85 11.51
C20 D43 H . -25.71 10.19 10.35
C24 D43 H . -23.70 11.30 16.44
N11 D43 H . -25.30 11.95 14.11
C14 D43 H . -25.35 11.50 12.84
O15 D43 H . -24.86 12.07 11.91
O16 D43 H . -26.04 10.35 12.78
C18 D43 H . -26.72 8.34 11.70
C1 D43 H . -27.41 11.69 19.56
C2 D43 H . -28.79 11.63 19.49
C3 D43 H . -29.46 11.86 18.30
C4 D43 H . -28.71 12.13 17.17
C5 D43 H . -27.32 12.18 17.22
C6 D43 H . -26.67 11.98 18.43
N7 D43 H . -29.14 12.40 15.88
C8 D43 H . -28.10 12.60 15.03
C9 D43 H . -26.80 12.43 15.83
C12 D43 H . -25.17 13.40 14.33
C19 D43 H . -28.00 10.47 11.36
O21 D43 H . -28.18 12.86 13.84
C22 D43 H . -24.99 10.54 16.16
C23 D43 H . -24.70 9.12 15.71
#